data_6WFZ
#
_entry.id   6WFZ
#
_cell.length_a   63.395
_cell.length_b   87.604
_cell.length_c   89.645
_cell.angle_alpha   90.00
_cell.angle_beta   101.06
_cell.angle_gamma   90.00
#
_symmetry.space_group_name_H-M   'P 1 21 1'
#
loop_
_entity.id
_entity.type
_entity.pdbx_description
1 polymer 'Fab399 heavy chain'
2 polymer 'Fab399 light chain'
3 polymer 'NPNA3 peptide'
4 water water
#
loop_
_entity_poly.entity_id
_entity_poly.type
_entity_poly.pdbx_seq_one_letter_code
_entity_poly.pdbx_strand_id
1 'polypeptide(L)'
;EVQLVESGGGLVQPGRSLRLSCTTSGFTFGDYAMSWFRQAPGKGLEWVGFIRSKGFGGTAEYAAFVKGRFTISRDDSRSI
AYLQMTSLKPEDTAVYYCSRVGVVIATAVYWGQGTLVTVSSASTKGPSVFPLAPSSKSTSGGTAALGCLVKDYFPEPVTV
SWNSGALTSGVHTFPAVLQSSGLYSLSSVVTVPSSSLGTQTYICNVNHKPSNTKVDKKVEPKSC
;
A,H
2 'polypeptide(L)'
;DILMTQTPLSLSVTPGQPASISCKSSQSLLDNDGKTYLYWYLQKPGQSPQLLIYEVSNRFSGVPERFSGSGSGTDFTLKI
RRVEAEDVGVYYCMQRIDLPWTFGQGTKVEIKRTVAAPSVFIFPPSDEQLKSGTASVVCLLNNFYPREAKVQWKVDNALQ
SGNSQESVTEQDSKDSTYSLSSTLTLSKADYEKHKVYACEVTHQGLSSPVTKSFNRGEC
;
B,L
3 'polypeptide(L)' (ACE)NPNANPNANPNA(NH2) C,P
#
loop_
_chem_comp.id
_chem_comp.type
_chem_comp.name
_chem_comp.formula
ACE non-polymer 'ACETYL GROUP' 'C2 H4 O'
NH2 non-polymer 'AMINO GROUP' 'H2 N'
#
# COMPACT_ATOMS: atom_id res chain seq x y z
N GLU A 1 3.05 -4.37 1.46
CA GLU A 1 2.48 -4.36 2.79
C GLU A 1 2.88 -3.11 3.56
N VAL A 2 1.96 -2.62 4.39
CA VAL A 2 2.24 -1.42 5.17
C VAL A 2 3.22 -1.76 6.28
N GLN A 3 4.33 -1.02 6.35
CA GLN A 3 5.36 -1.26 7.35
C GLN A 3 5.69 0.04 8.07
N LEU A 4 5.75 -0.01 9.40
CA LEU A 4 6.11 1.12 10.24
C LEU A 4 7.04 0.62 11.34
N VAL A 5 8.18 1.30 11.52
CA VAL A 5 9.22 0.88 12.47
C VAL A 5 9.67 2.10 13.27
N GLU A 6 9.41 2.07 14.59
CA GLU A 6 9.87 3.11 15.50
C GLU A 6 11.31 2.83 15.92
N SER A 7 12.11 3.88 16.04
CA SER A 7 13.46 3.73 16.55
C SER A 7 13.85 4.99 17.31
N GLY A 8 14.96 4.88 18.08
CA GLY A 8 15.51 6.02 18.78
C GLY A 8 15.39 5.93 20.28
N GLY A 9 14.63 4.98 20.80
CA GLY A 9 14.37 4.90 22.22
C GLY A 9 15.56 4.37 22.99
N GLY A 10 15.49 4.55 24.31
CA GLY A 10 16.56 4.14 25.19
C GLY A 10 16.46 4.94 26.48
N LEU A 11 17.48 4.76 27.33
CA LEU A 11 17.55 5.47 28.59
C LEU A 11 18.10 6.88 28.38
N VAL A 12 17.45 7.87 28.99
CA VAL A 12 17.87 9.26 28.87
C VAL A 12 17.75 9.95 30.22
N GLN A 13 18.69 10.86 30.47
CA GLN A 13 18.72 11.62 31.71
C GLN A 13 17.59 12.66 31.71
N PRO A 14 16.92 12.86 32.85
CA PRO A 14 15.91 13.93 32.93
C PRO A 14 16.45 15.28 32.49
N GLY A 15 15.59 16.06 31.84
CA GLY A 15 15.96 17.33 31.29
C GLY A 15 16.49 17.30 29.87
N ARG A 16 16.93 16.15 29.38
CA ARG A 16 17.61 16.09 28.11
C ARG A 16 16.60 15.89 26.97
N SER A 17 17.12 15.78 25.75
CA SER A 17 16.33 15.71 24.53
C SER A 17 16.53 14.36 23.87
N LEU A 18 15.53 13.93 23.10
CA LEU A 18 15.58 12.67 22.38
C LEU A 18 14.63 12.79 21.19
N ARG A 19 15.07 12.29 20.04
N ARG A 19 15.07 12.27 20.05
CA ARG A 19 14.28 12.32 18.81
CA ARG A 19 14.30 12.31 18.82
C ARG A 19 13.99 10.90 18.37
C ARG A 19 13.99 10.89 18.38
N LEU A 20 12.70 10.57 18.25
CA LEU A 20 12.29 9.27 17.76
C LEU A 20 11.97 9.37 16.27
N SER A 21 12.20 8.26 15.55
CA SER A 21 11.90 8.16 14.13
C SER A 21 10.82 7.11 13.93
N CYS A 22 10.02 7.29 12.87
CA CYS A 22 9.06 6.30 12.41
C CYS A 22 9.37 6.05 10.94
N THR A 23 10.07 4.97 10.62
CA THR A 23 10.49 4.69 9.25
C THR A 23 9.44 3.81 8.60
N THR A 24 8.90 4.27 7.46
CA THR A 24 7.76 3.62 6.83
C THR A 24 8.10 3.12 5.42
N SER A 25 7.29 2.16 4.96
CA SER A 25 7.40 1.61 3.61
C SER A 25 6.08 0.96 3.25
N GLY A 26 5.81 0.89 1.95
CA GLY A 26 4.63 0.20 1.44
C GLY A 26 3.45 1.07 1.09
N PHE A 27 3.62 2.39 1.03
CA PHE A 27 2.52 3.29 0.72
C PHE A 27 3.11 4.64 0.38
N THR A 28 2.30 5.47 -0.26
CA THR A 28 2.73 6.84 -0.54
C THR A 28 2.67 7.62 0.76
N PHE A 29 3.84 7.79 1.40
CA PHE A 29 3.90 8.32 2.76
C PHE A 29 3.27 9.71 2.85
N GLY A 30 3.52 10.56 1.85
CA GLY A 30 3.06 11.94 1.85
C GLY A 30 1.55 12.10 1.88
N ASP A 31 0.81 11.09 1.43
CA ASP A 31 -0.64 11.17 1.35
C ASP A 31 -1.33 10.98 2.70
N TYR A 32 -0.60 10.61 3.75
CA TYR A 32 -1.19 10.17 5.01
C TYR A 32 -0.80 11.05 6.19
N ALA A 33 -1.76 11.28 7.09
CA ALA A 33 -1.43 11.78 8.42
C ALA A 33 -0.75 10.66 9.22
N MET A 34 0.15 11.05 10.10
CA MET A 34 0.86 10.14 10.99
C MET A 34 0.65 10.58 12.43
N SER A 35 0.51 9.61 13.34
N SER A 35 0.55 9.60 13.34
CA SER A 35 0.14 9.92 14.71
CA SER A 35 0.18 9.87 14.70
C SER A 35 1.00 9.13 15.69
C SER A 35 1.15 9.17 15.64
N TRP A 36 1.39 9.80 16.78
CA TRP A 36 2.19 9.21 17.84
C TRP A 36 1.32 8.96 19.06
N PHE A 37 1.56 7.82 19.73
CA PHE A 37 0.90 7.43 20.96
C PHE A 37 1.96 6.94 21.94
N ARG A 38 1.60 6.86 23.21
CA ARG A 38 2.53 6.30 24.18
C ARG A 38 1.74 5.52 25.21
N GLN A 39 2.44 4.62 25.90
CA GLN A 39 1.85 3.77 26.93
C GLN A 39 2.88 3.62 28.03
N ALA A 40 2.63 4.24 29.18
CA ALA A 40 3.52 4.04 30.31
C ALA A 40 3.42 2.58 30.78
N PRO A 41 4.48 2.03 31.37
CA PRO A 41 4.43 0.62 31.79
C PRO A 41 3.25 0.35 32.71
N GLY A 42 2.45 -0.66 32.35
CA GLY A 42 1.30 -1.05 33.14
C GLY A 42 0.05 -0.21 32.96
N LYS A 43 0.08 0.80 32.11
CA LYS A 43 -0.98 1.80 32.06
C LYS A 43 -1.66 1.75 30.69
N GLY A 44 -2.64 2.64 30.49
CA GLY A 44 -3.45 2.64 29.29
C GLY A 44 -2.81 3.40 28.13
N LEU A 45 -3.49 3.38 27.00
CA LEU A 45 -3.03 4.10 25.82
C LEU A 45 -3.28 5.60 25.95
N GLU A 46 -2.33 6.39 25.46
CA GLU A 46 -2.39 7.85 25.49
C GLU A 46 -2.02 8.42 24.12
N TRP A 47 -2.82 9.35 23.61
CA TRP A 47 -2.46 10.04 22.37
C TRP A 47 -1.39 11.11 22.64
N VAL A 48 -0.38 11.18 21.79
CA VAL A 48 0.68 12.19 21.91
C VAL A 48 0.45 13.35 20.94
N GLY A 49 0.27 13.05 19.66
CA GLY A 49 0.10 14.09 18.67
C GLY A 49 -0.03 13.47 17.31
N PHE A 50 -0.39 14.30 16.33
CA PHE A 50 -0.40 13.84 14.94
C PHE A 50 0.00 15.00 14.05
N ILE A 51 0.42 14.66 12.83
CA ILE A 51 0.81 15.64 11.82
C ILE A 51 0.06 15.31 10.53
N ARG A 52 -0.54 16.34 9.93
CA ARG A 52 -1.34 16.11 8.73
C ARG A 52 -0.46 15.98 7.50
N SER A 53 -1.01 15.34 6.47
CA SER A 53 -0.41 15.37 5.14
C SER A 53 -0.16 16.82 4.72
N LYS A 54 0.89 17.02 3.92
CA LYS A 54 1.08 18.35 3.35
C LYS A 54 -0.09 18.72 2.44
N GLY A 55 -0.83 17.72 1.94
CA GLY A 55 -2.01 18.03 1.15
C GLY A 55 -3.08 18.76 1.92
N PHE A 56 -2.99 18.76 3.25
CA PHE A 56 -3.95 19.48 4.09
C PHE A 56 -3.26 20.48 5.01
N GLY A 57 -2.09 20.98 4.59
CA GLY A 57 -1.38 22.01 5.33
C GLY A 57 -0.23 21.53 6.18
N GLY A 58 -0.12 20.23 6.41
CA GLY A 58 1.04 19.68 7.09
C GLY A 58 1.22 20.12 8.54
N THR A 59 0.20 20.64 9.18
CA THR A 59 0.35 21.10 10.55
C THR A 59 0.06 19.96 11.55
N ALA A 60 0.47 20.19 12.77
CA ALA A 60 0.45 19.16 13.80
C ALA A 60 -0.43 19.57 14.97
N GLU A 61 -0.91 18.57 15.71
CA GLU A 61 -1.71 18.79 16.90
C GLU A 61 -1.10 17.96 18.02
N TYR A 62 -1.25 18.44 19.25
CA TYR A 62 -0.55 17.85 20.39
C TYR A 62 -1.47 17.72 21.59
N ALA A 63 -1.17 16.73 22.43
CA ALA A 63 -1.84 16.62 23.71
C ALA A 63 -1.29 17.65 24.68
N ALA A 64 -2.09 17.97 25.72
CA ALA A 64 -1.78 19.12 26.57
C ALA A 64 -0.49 18.91 27.34
N PHE A 65 -0.20 17.68 27.75
CA PHE A 65 0.98 17.42 28.58
C PHE A 65 2.29 17.48 27.80
N VAL A 66 2.26 17.63 26.47
CA VAL A 66 3.49 17.75 25.70
C VAL A 66 3.60 19.08 24.97
N LYS A 67 2.57 19.92 25.00
CA LYS A 67 2.59 21.15 24.21
C LYS A 67 3.70 22.06 24.68
N GLY A 68 4.49 22.55 23.73
CA GLY A 68 5.70 23.28 24.02
C GLY A 68 6.91 22.38 23.93
N ARG A 69 6.87 21.23 24.62
CA ARG A 69 8.06 20.42 24.78
C ARG A 69 8.33 19.51 23.59
N PHE A 70 7.28 18.98 22.97
CA PHE A 70 7.40 18.00 21.90
C PHE A 70 6.98 18.65 20.59
N THR A 71 7.67 18.30 19.51
CA THR A 71 7.29 18.73 18.17
C THR A 71 7.32 17.53 17.23
N ILE A 72 6.30 17.40 16.39
CA ILE A 72 6.22 16.32 15.43
C ILE A 72 6.54 16.90 14.06
N SER A 73 7.40 16.21 13.32
CA SER A 73 7.82 16.66 12.01
C SER A 73 7.74 15.50 11.02
N ARG A 74 7.88 15.81 9.73
CA ARG A 74 7.82 14.74 8.73
C ARG A 74 8.73 15.09 7.55
N ASP A 75 9.34 14.05 6.98
CA ASP A 75 10.23 14.17 5.83
C ASP A 75 9.65 13.30 4.72
N ASP A 76 8.87 13.92 3.82
CA ASP A 76 8.14 13.12 2.83
C ASP A 76 9.08 12.42 1.84
N SER A 77 10.26 13.00 1.61
CA SER A 77 11.19 12.41 0.66
C SER A 77 11.81 11.14 1.20
N ARG A 78 11.99 11.05 2.52
CA ARG A 78 12.53 9.85 3.16
C ARG A 78 11.46 8.91 3.67
N SER A 79 10.18 9.32 3.64
CA SER A 79 9.09 8.51 4.18
C SER A 79 9.31 8.22 5.66
N ILE A 80 9.68 9.26 6.42
CA ILE A 80 9.97 9.15 7.84
C ILE A 80 9.22 10.25 8.58
N ALA A 81 8.61 9.88 9.72
CA ALA A 81 8.02 10.83 10.65
C ALA A 81 8.87 10.92 11.92
N TYR A 82 8.90 12.11 12.55
CA TYR A 82 9.71 12.31 13.74
C TYR A 82 8.88 12.80 14.92
N LEU A 83 9.30 12.40 16.13
CA LEU A 83 8.83 12.98 17.37
C LEU A 83 10.06 13.50 18.11
N GLN A 84 10.15 14.82 18.26
CA GLN A 84 11.27 15.45 18.96
C GLN A 84 10.83 15.80 20.38
N MET A 85 11.45 15.17 21.37
CA MET A 85 11.09 15.41 22.75
C MET A 85 12.19 16.25 23.40
N THR A 86 11.77 17.19 24.24
CA THR A 86 12.69 18.03 24.99
C THR A 86 12.21 18.15 26.43
N SER A 87 13.10 18.57 27.32
CA SER A 87 12.74 18.75 28.72
C SER A 87 12.08 17.49 29.30
N LEU A 88 12.66 16.33 29.00
CA LEU A 88 12.05 15.06 29.37
C LEU A 88 12.05 14.87 30.89
N LYS A 89 10.92 14.42 31.42
CA LYS A 89 10.72 14.13 32.85
C LYS A 89 10.55 12.64 33.05
N PRO A 90 10.73 12.14 34.29
CA PRO A 90 10.51 10.71 34.55
C PRO A 90 9.13 10.21 34.15
N GLU A 91 8.10 11.04 34.27
CA GLU A 91 6.75 10.64 33.89
C GLU A 91 6.54 10.52 32.37
N ASP A 92 7.55 10.84 31.56
CA ASP A 92 7.52 10.60 30.12
C ASP A 92 7.97 9.20 29.74
N THR A 93 8.46 8.41 30.70
CA THR A 93 8.81 7.03 30.42
C THR A 93 7.62 6.27 29.84
N ALA A 94 7.80 5.66 28.67
CA ALA A 94 6.70 4.96 27.98
C ALA A 94 7.26 4.25 26.76
N VAL A 95 6.49 3.29 26.26
CA VAL A 95 6.62 2.84 24.88
C VAL A 95 5.91 3.86 24.00
N TYR A 96 6.61 4.38 23.00
CA TYR A 96 6.05 5.33 22.07
C TYR A 96 5.75 4.63 20.75
N TYR A 97 4.53 4.81 20.24
CA TYR A 97 4.08 4.13 19.04
C TYR A 97 3.82 5.16 17.95
N CYS A 98 4.21 4.83 16.73
CA CYS A 98 3.79 5.63 15.58
C CYS A 98 2.73 4.87 14.78
N SER A 99 1.87 5.59 14.05
CA SER A 99 0.73 4.92 13.42
C SER A 99 0.35 5.68 12.16
N ARG A 100 -0.11 4.95 11.14
CA ARG A 100 -0.61 5.58 9.93
C ARG A 100 -2.11 5.82 10.09
N VAL A 101 -2.51 7.08 10.00
CA VAL A 101 -3.92 7.47 10.12
C VAL A 101 -4.57 7.27 8.76
N GLY A 102 -5.69 6.56 8.73
CA GLY A 102 -6.34 6.28 7.47
C GLY A 102 -7.15 7.46 6.98
N VAL A 103 -7.66 7.34 5.77
CA VAL A 103 -8.56 8.33 5.20
C VAL A 103 -10.02 7.90 5.34
N VAL A 104 -10.39 6.72 4.83
CA VAL A 104 -11.75 6.19 5.12
C VAL A 104 -11.92 6.02 6.62
N ILE A 105 -10.94 5.42 7.26
CA ILE A 105 -10.93 5.18 8.69
C ILE A 105 -9.99 6.23 9.27
N ALA A 106 -10.56 7.32 9.77
CA ALA A 106 -9.79 8.50 10.11
C ALA A 106 -9.21 8.40 11.52
N THR A 107 -8.56 7.28 11.82
CA THR A 107 -7.91 7.08 13.10
C THR A 107 -6.62 6.31 12.87
N ALA A 108 -5.87 6.07 13.95
CA ALA A 108 -4.65 5.26 13.88
C ALA A 108 -5.02 3.83 13.52
N VAL A 109 -4.69 3.39 12.32
CA VAL A 109 -5.06 2.06 11.83
C VAL A 109 -3.89 1.09 11.93
N TYR A 110 -2.75 1.43 11.34
CA TYR A 110 -1.58 0.56 11.33
C TYR A 110 -0.59 1.09 12.36
N TRP A 111 -0.20 0.24 13.30
CA TRP A 111 0.71 0.63 14.39
C TRP A 111 2.05 -0.08 14.24
N GLY A 112 3.13 0.61 14.61
CA GLY A 112 4.43 -0.01 14.70
C GLY A 112 4.53 -0.82 15.98
N GLN A 113 5.70 -1.40 16.21
CA GLN A 113 5.93 -2.22 17.40
C GLN A 113 6.27 -1.40 18.65
N GLY A 114 6.57 -0.11 18.49
CA GLY A 114 6.87 0.78 19.59
C GLY A 114 8.36 0.82 19.91
N THR A 115 8.77 1.89 20.60
CA THR A 115 10.13 2.00 21.12
C THR A 115 10.07 2.49 22.57
N LEU A 116 10.76 1.78 23.47
CA LEU A 116 10.74 2.12 24.88
C LEU A 116 11.65 3.31 25.16
N VAL A 117 11.10 4.38 25.73
CA VAL A 117 11.89 5.50 26.25
C VAL A 117 11.86 5.45 27.77
N THR A 118 13.04 5.35 28.40
CA THR A 118 13.19 5.37 29.85
C THR A 118 13.88 6.67 30.25
N VAL A 119 13.20 7.48 31.05
CA VAL A 119 13.75 8.75 31.51
C VAL A 119 14.08 8.56 32.98
N SER A 120 15.37 8.48 33.30
CA SER A 120 15.76 8.17 34.68
C SER A 120 17.19 8.62 34.93
N SER A 121 17.46 8.99 36.19
CA SER A 121 18.81 9.34 36.62
C SER A 121 19.72 8.13 36.78
N ALA A 122 19.17 6.94 36.94
CA ALA A 122 19.98 5.77 37.26
C ALA A 122 20.92 5.42 36.12
N SER A 123 21.92 4.62 36.42
CA SER A 123 22.86 4.16 35.41
C SER A 123 22.47 2.79 34.90
N THR A 124 22.94 2.48 33.69
CA THR A 124 22.77 1.13 33.17
C THR A 124 23.54 0.14 34.04
N LYS A 125 22.95 -1.05 34.24
CA LYS A 125 23.57 -2.10 35.03
C LYS A 125 23.10 -3.46 34.53
N GLY A 126 24.04 -4.35 34.25
CA GLY A 126 23.71 -5.68 33.83
C GLY A 126 23.29 -6.56 34.99
N PRO A 127 22.54 -7.61 34.70
CA PRO A 127 22.00 -8.48 35.76
C PRO A 127 22.90 -9.64 36.15
N SER A 128 22.80 -10.03 37.42
CA SER A 128 23.36 -11.29 37.89
C SER A 128 22.30 -12.37 37.69
N VAL A 129 22.73 -13.56 37.32
CA VAL A 129 21.81 -14.67 37.06
C VAL A 129 22.18 -15.84 37.97
N PHE A 130 21.23 -16.23 38.83
CA PHE A 130 21.42 -17.30 39.79
C PHE A 130 20.48 -18.46 39.49
N PRO A 131 20.94 -19.70 39.69
CA PRO A 131 20.07 -20.84 39.43
C PRO A 131 19.01 -21.02 40.50
N LEU A 132 17.89 -21.58 40.07
CA LEU A 132 16.82 -22.08 40.95
C LEU A 132 16.80 -23.58 40.70
N ALA A 133 17.62 -24.31 41.48
CA ALA A 133 17.90 -25.71 41.19
C ALA A 133 16.71 -26.59 41.58
N PRO A 134 16.43 -27.64 40.80
CA PRO A 134 15.36 -28.57 41.17
C PRO A 134 15.80 -29.55 42.24
N SER A 135 14.83 -30.01 43.04
CA SER A 135 15.10 -30.94 44.13
C SER A 135 13.81 -31.67 44.47
N SER A 136 13.75 -32.26 45.66
CA SER A 136 12.57 -32.96 46.14
C SER A 136 11.38 -32.01 46.36
N GLY A 142 6.42 -36.88 39.66
CA GLY A 142 5.77 -36.71 38.37
C GLY A 142 6.23 -35.50 37.57
N THR A 143 6.42 -34.36 38.24
CA THR A 143 6.79 -33.11 37.56
C THR A 143 7.79 -32.36 38.42
N ALA A 144 8.86 -31.86 37.78
CA ALA A 144 9.88 -31.08 38.47
C ALA A 144 9.90 -29.65 37.93
N ALA A 145 10.26 -28.71 38.79
CA ALA A 145 10.34 -27.30 38.45
C ALA A 145 11.75 -26.78 38.66
N LEU A 146 12.20 -25.91 37.77
CA LEU A 146 13.51 -25.28 37.89
C LEU A 146 13.45 -23.95 37.15
N GLY A 147 14.50 -23.15 37.32
CA GLY A 147 14.46 -21.82 36.76
C GLY A 147 15.76 -21.06 36.96
N CYS A 148 15.70 -19.77 36.64
CA CYS A 148 16.79 -18.82 36.78
C CYS A 148 16.26 -17.53 37.39
N LEU A 149 17.02 -16.96 38.33
CA LEU A 149 16.70 -15.68 38.94
C LEU A 149 17.61 -14.61 38.34
N VAL A 150 17.01 -13.60 37.71
CA VAL A 150 17.72 -12.54 36.99
C VAL A 150 17.60 -11.28 37.84
N LYS A 151 18.66 -10.90 38.55
CA LYS A 151 18.56 -9.92 39.63
C LYS A 151 19.35 -8.66 39.32
N ASP A 152 18.81 -7.52 39.71
CA ASP A 152 19.51 -6.23 39.73
C ASP A 152 20.01 -5.77 38.37
N TYR A 153 19.09 -5.32 37.52
CA TYR A 153 19.48 -4.74 36.24
C TYR A 153 18.67 -3.48 35.99
N PHE A 154 19.18 -2.65 35.08
CA PHE A 154 18.51 -1.43 34.69
C PHE A 154 19.06 -1.01 33.34
N PRO A 155 18.23 -0.46 32.44
CA PRO A 155 16.77 -0.38 32.53
C PRO A 155 16.15 -1.66 32.01
N GLU A 156 14.83 -1.64 31.81
CA GLU A 156 14.17 -2.71 31.09
C GLU A 156 14.60 -2.66 29.62
N PRO A 157 14.49 -3.80 28.89
CA PRO A 157 14.06 -5.13 29.31
C PRO A 157 15.18 -6.18 29.29
N VAL A 158 14.87 -7.40 29.74
CA VAL A 158 15.72 -8.56 29.53
C VAL A 158 14.92 -9.60 28.77
N THR A 159 15.64 -10.45 28.04
CA THR A 159 15.04 -11.59 27.37
C THR A 159 15.57 -12.88 28.00
N VAL A 160 14.71 -13.90 28.09
CA VAL A 160 15.12 -15.20 28.59
C VAL A 160 14.59 -16.28 27.67
N SER A 161 15.49 -17.14 27.20
CA SER A 161 15.13 -18.37 26.50
C SER A 161 15.70 -19.55 27.27
N TRP A 162 15.19 -20.75 26.97
CA TRP A 162 15.70 -21.99 27.54
C TRP A 162 16.17 -22.89 26.40
N ASN A 163 17.42 -23.36 26.52
CA ASN A 163 18.05 -24.25 25.53
C ASN A 163 17.97 -23.65 24.12
N SER A 164 18.29 -22.36 24.02
CA SER A 164 18.32 -21.64 22.75
C SER A 164 17.01 -21.76 21.99
N GLY A 165 15.90 -21.67 22.73
CA GLY A 165 14.57 -21.74 22.14
C GLY A 165 14.03 -23.13 21.91
N ALA A 166 14.82 -24.18 22.13
CA ALA A 166 14.33 -25.54 21.87
C ALA A 166 13.35 -26.02 22.94
N LEU A 167 13.39 -25.45 24.14
CA LEU A 167 12.46 -25.77 25.21
C LEU A 167 11.48 -24.60 25.35
N THR A 168 10.23 -24.84 25.00
CA THR A 168 9.17 -23.85 25.10
C THR A 168 7.97 -24.30 25.93
N SER A 169 7.61 -25.58 25.90
CA SER A 169 6.53 -26.08 26.72
C SER A 169 6.90 -26.00 28.20
N GLY A 170 5.99 -25.47 29.02
CA GLY A 170 6.21 -25.39 30.44
C GLY A 170 6.98 -24.17 30.92
N VAL A 171 7.45 -23.33 30.01
CA VAL A 171 8.25 -22.16 30.38
C VAL A 171 7.33 -21.01 30.77
N HIS A 172 7.60 -20.39 31.91
CA HIS A 172 6.96 -19.14 32.32
C HIS A 172 8.03 -18.13 32.69
N THR A 173 8.09 -17.02 31.96
CA THR A 173 8.98 -15.92 32.31
C THR A 173 8.13 -14.80 32.90
N PHE A 174 8.44 -14.42 34.15
CA PHE A 174 7.59 -13.50 34.88
C PHE A 174 7.90 -12.04 34.52
N PRO A 175 6.92 -11.15 34.63
CA PRO A 175 7.19 -9.73 34.47
C PRO A 175 8.22 -9.28 35.50
N ALA A 176 9.03 -8.30 35.10
CA ALA A 176 10.01 -7.76 36.02
C ALA A 176 9.32 -7.02 37.16
N VAL A 177 9.95 -7.04 38.32
CA VAL A 177 9.51 -6.25 39.45
C VAL A 177 10.57 -5.21 39.74
N LEU A 178 10.13 -4.00 40.06
CA LEU A 178 11.02 -2.90 40.42
C LEU A 178 11.30 -2.96 41.91
N GLN A 179 12.57 -3.04 42.29
CA GLN A 179 12.91 -3.19 43.70
C GLN A 179 13.02 -1.82 44.37
N SER A 180 13.08 -1.86 45.71
CA SER A 180 13.26 -0.63 46.49
C SER A 180 14.54 0.11 46.12
N SER A 181 15.50 -0.61 45.55
CA SER A 181 16.76 -0.01 45.13
C SER A 181 16.65 0.79 43.84
N GLY A 182 15.61 0.57 43.04
CA GLY A 182 15.54 1.14 41.71
C GLY A 182 15.96 0.19 40.61
N LEU A 183 16.47 -0.99 40.96
CA LEU A 183 16.84 -2.01 40.00
C LEU A 183 15.72 -3.05 39.88
N TYR A 184 15.63 -3.65 38.70
CA TYR A 184 14.63 -4.66 38.38
C TYR A 184 15.16 -6.08 38.63
N SER A 185 14.23 -7.01 38.88
CA SER A 185 14.53 -8.43 38.89
C SER A 185 13.36 -9.20 38.30
N LEU A 186 13.65 -10.38 37.79
CA LEU A 186 12.60 -11.29 37.38
C LEU A 186 13.14 -12.71 37.43
N SER A 187 12.21 -13.67 37.42
CA SER A 187 12.56 -15.07 37.34
C SER A 187 11.91 -15.68 36.11
N SER A 188 12.54 -16.73 35.59
CA SER A 188 11.99 -17.57 34.54
C SER A 188 12.08 -19.01 35.00
N VAL A 189 10.96 -19.74 34.92
CA VAL A 189 10.90 -21.12 35.39
C VAL A 189 10.38 -22.01 34.28
N VAL A 190 10.63 -23.31 34.44
CA VAL A 190 10.10 -24.33 33.52
C VAL A 190 9.80 -25.59 34.31
N THR A 191 8.66 -26.20 34.01
CA THR A 191 8.30 -27.51 34.58
C THR A 191 8.66 -28.58 33.56
N VAL A 192 9.41 -29.59 34.00
CA VAL A 192 9.90 -30.66 33.14
C VAL A 192 9.57 -31.98 33.80
N PRO A 193 9.56 -33.08 33.03
CA PRO A 193 9.32 -34.39 33.64
C PRO A 193 10.43 -34.76 34.61
N SER A 194 10.06 -35.50 35.66
CA SER A 194 11.04 -35.98 36.62
C SER A 194 12.07 -36.88 35.96
N SER A 195 11.69 -37.60 34.90
CA SER A 195 12.59 -38.55 34.25
C SER A 195 13.80 -37.88 33.60
N SER A 196 13.72 -36.59 33.32
CA SER A 196 14.73 -35.90 32.52
C SER A 196 15.77 -35.17 33.34
N LEU A 197 15.76 -35.34 34.66
CA LEU A 197 16.77 -34.73 35.51
C LEU A 197 18.05 -35.56 35.44
N GLY A 198 19.16 -34.92 35.06
CA GLY A 198 20.40 -35.62 34.78
C GLY A 198 20.44 -36.25 33.40
N THR A 199 19.27 -36.56 32.83
CA THR A 199 19.18 -37.03 31.45
C THR A 199 19.27 -35.86 30.48
N GLN A 200 18.43 -34.84 30.67
CA GLN A 200 18.40 -33.67 29.82
C GLN A 200 19.04 -32.49 30.53
N THR A 201 19.87 -31.74 29.80
CA THR A 201 20.52 -30.55 30.35
C THR A 201 19.65 -29.32 30.08
N TYR A 202 19.56 -28.44 31.08
CA TYR A 202 18.69 -27.27 31.02
C TYR A 202 19.53 -26.02 31.23
N ILE A 203 19.52 -25.12 30.25
CA ILE A 203 20.32 -23.90 30.28
C ILE A 203 19.43 -22.73 29.92
N CYS A 204 19.40 -21.70 30.76
CA CYS A 204 18.59 -20.51 30.48
C CYS A 204 19.48 -19.44 29.86
N ASN A 205 19.03 -18.87 28.75
CA ASN A 205 19.78 -17.86 28.03
C ASN A 205 19.17 -16.51 28.33
N VAL A 206 19.99 -15.60 28.86
CA VAL A 206 19.52 -14.30 29.34
C VAL A 206 20.24 -13.22 28.54
N ASN A 207 19.47 -12.29 27.98
CA ASN A 207 20.05 -11.17 27.25
C ASN A 207 19.49 -9.86 27.79
N HIS A 208 20.39 -8.90 28.03
CA HIS A 208 20.05 -7.55 28.48
C HIS A 208 20.73 -6.61 27.49
N LYS A 209 20.03 -6.32 26.39
CA LYS A 209 20.61 -5.46 25.35
C LYS A 209 21.07 -4.10 25.88
N PRO A 210 20.37 -3.42 26.79
CA PRO A 210 20.91 -2.13 27.28
C PRO A 210 22.29 -2.22 27.88
N SER A 211 22.71 -3.41 28.35
CA SER A 211 24.04 -3.62 28.88
C SER A 211 24.94 -4.41 27.94
N ASN A 212 24.40 -4.94 26.84
CA ASN A 212 25.11 -5.87 25.97
C ASN A 212 25.64 -7.07 26.75
N THR A 213 24.80 -7.62 27.63
CA THR A 213 25.15 -8.77 28.44
C THR A 213 24.39 -10.00 27.97
N LYS A 214 25.11 -11.10 27.77
CA LYS A 214 24.52 -12.38 27.38
C LYS A 214 25.08 -13.45 28.31
N VAL A 215 24.22 -14.06 29.12
CA VAL A 215 24.62 -15.08 30.08
C VAL A 215 23.82 -16.34 29.82
N ASP A 216 24.50 -17.48 29.75
CA ASP A 216 23.85 -18.78 29.60
C ASP A 216 24.14 -19.61 30.84
N LYS A 217 23.14 -19.74 31.70
CA LYS A 217 23.30 -20.35 33.02
C LYS A 217 22.74 -21.76 33.00
N LYS A 218 23.60 -22.75 33.19
CA LYS A 218 23.14 -24.13 33.34
C LYS A 218 22.56 -24.32 34.73
N VAL A 219 21.39 -24.94 34.81
CA VAL A 219 20.71 -25.22 36.06
C VAL A 219 20.83 -26.71 36.32
N GLU A 220 21.54 -27.08 37.42
CA GLU A 220 21.81 -28.47 37.79
C GLU A 220 21.08 -28.86 39.07
N PRO A 221 20.53 -30.09 39.13
CA PRO A 221 19.79 -30.58 40.29
C PRO A 221 20.58 -30.49 41.60
N ASP B 1 -11.94 18.33 27.96
CA ASP B 1 -11.51 17.06 27.39
C ASP B 1 -12.57 16.00 27.57
N ILE B 2 -12.84 15.25 26.51
CA ILE B 2 -13.90 14.26 26.54
C ILE B 2 -13.43 13.07 27.38
N LEU B 3 -14.19 12.76 28.41
CA LEU B 3 -13.92 11.61 29.27
C LEU B 3 -14.63 10.38 28.70
N MET B 4 -13.91 9.27 28.59
CA MET B 4 -14.46 8.01 28.08
C MET B 4 -14.47 6.99 29.21
N THR B 5 -15.67 6.60 29.66
CA THR B 5 -15.83 5.71 30.82
C THR B 5 -16.24 4.31 30.35
N GLN B 6 -15.35 3.35 30.52
CA GLN B 6 -15.64 1.95 30.16
C GLN B 6 -16.12 1.19 31.38
N THR B 7 -17.13 0.33 31.18
CA THR B 7 -17.59 -0.59 32.20
C THR B 7 -17.96 -1.90 31.52
N PRO B 8 -17.60 -3.05 32.12
CA PRO B 8 -16.79 -3.11 33.35
C PRO B 8 -15.30 -2.93 33.08
N LEU B 9 -14.49 -2.80 34.13
CA LEU B 9 -13.05 -2.71 33.93
C LEU B 9 -12.40 -4.08 33.71
N SER B 10 -13.06 -5.16 34.09
CA SER B 10 -12.50 -6.48 33.86
C SER B 10 -13.63 -7.44 33.60
N LEU B 11 -13.38 -8.43 32.75
CA LEU B 11 -14.38 -9.39 32.36
C LEU B 11 -13.74 -10.76 32.26
N SER B 12 -14.38 -11.76 32.89
CA SER B 12 -13.99 -13.18 32.81
C SER B 12 -15.08 -13.91 32.06
N VAL B 13 -14.76 -14.42 30.87
CA VAL B 13 -15.77 -14.97 29.97
C VAL B 13 -15.58 -16.48 29.80
N THR B 14 -16.65 -17.23 30.05
CA THR B 14 -16.66 -18.65 29.73
C THR B 14 -16.53 -18.84 28.23
N PRO B 15 -15.66 -19.74 27.76
CA PRO B 15 -15.43 -19.83 26.31
C PRO B 15 -16.71 -20.16 25.57
N GLY B 16 -16.91 -19.50 24.42
CA GLY B 16 -18.09 -19.67 23.61
C GLY B 16 -19.28 -18.83 24.01
N GLN B 17 -19.23 -18.16 25.22
CA GLN B 17 -20.24 -17.25 25.75
C GLN B 17 -19.96 -15.82 25.32
N PRO B 18 -20.98 -14.97 25.25
CA PRO B 18 -20.79 -13.60 24.76
C PRO B 18 -20.19 -12.68 25.81
N ALA B 19 -19.52 -11.64 25.32
CA ALA B 19 -19.04 -10.56 26.17
C ALA B 19 -19.59 -9.24 25.64
N SER B 20 -19.79 -8.30 26.56
CA SER B 20 -20.29 -6.99 26.17
C SER B 20 -19.61 -5.95 27.05
N ILE B 21 -19.07 -4.92 26.41
CA ILE B 21 -18.33 -3.85 27.08
C ILE B 21 -18.99 -2.53 26.73
N SER B 22 -19.22 -1.69 27.73
N SER B 22 -19.21 -1.69 27.73
CA SER B 22 -19.89 -0.41 27.54
CA SER B 22 -19.89 -0.42 27.55
C SER B 22 -18.89 0.73 27.59
C SER B 22 -18.89 0.73 27.59
N CYS B 23 -19.15 1.75 26.79
CA CYS B 23 -18.31 2.95 26.74
C CYS B 23 -19.25 4.15 26.72
N LYS B 24 -19.12 5.04 27.70
CA LYS B 24 -19.94 6.25 27.78
C LYS B 24 -19.03 7.46 27.69
N SER B 25 -19.34 8.39 26.78
CA SER B 25 -18.58 9.60 26.59
C SER B 25 -19.28 10.77 27.29
N SER B 26 -18.48 11.75 27.71
CA SER B 26 -19.02 12.89 28.43
C SER B 26 -19.69 13.91 27.53
N GLN B 27 -19.38 13.88 26.22
CA GLN B 27 -20.05 14.68 25.21
C GLN B 27 -20.44 13.76 24.06
N SER B 28 -21.34 14.25 23.20
CA SER B 28 -21.74 13.48 22.02
C SER B 28 -20.56 13.28 21.08
N LEU B 29 -20.46 12.08 20.50
CA LEU B 29 -19.43 11.83 19.51
C LEU B 29 -19.97 11.99 18.09
N LEU B 30 -21.24 12.37 17.94
CA LEU B 30 -21.83 12.70 16.65
C LEU B 30 -21.39 14.09 16.22
N ASP B 31 -20.79 14.18 15.04
CA ASP B 31 -20.32 15.43 14.47
C ASP B 31 -21.37 16.02 13.54
N ASN B 32 -21.19 17.29 13.18
CA ASN B 32 -22.10 17.96 12.26
C ASN B 32 -22.05 17.36 10.86
N ASP B 33 -20.96 16.69 10.48
CA ASP B 33 -20.86 16.05 9.17
C ASP B 33 -21.60 14.73 9.10
N GLY B 34 -22.24 14.29 10.20
CA GLY B 34 -23.06 13.10 10.22
C GLY B 34 -22.37 11.85 10.74
N LYS B 35 -21.08 11.90 11.01
CA LYS B 35 -20.34 10.72 11.43
C LYS B 35 -20.15 10.75 12.95
N THR B 36 -20.00 9.56 13.51
CA THR B 36 -19.78 9.38 14.95
C THR B 36 -18.37 8.82 15.14
N TYR B 37 -17.50 9.64 15.73
CA TYR B 37 -16.07 9.35 15.74
C TYR B 37 -15.71 8.54 16.99
N LEU B 38 -16.21 7.29 17.00
CA LEU B 38 -15.98 6.34 18.08
C LEU B 38 -15.35 5.09 17.48
N TYR B 39 -14.27 4.63 18.10
CA TYR B 39 -13.46 3.54 17.57
C TYR B 39 -13.15 2.57 18.72
N TRP B 40 -12.98 1.29 18.40
CA TRP B 40 -12.65 0.26 19.38
C TRP B 40 -11.35 -0.44 19.00
N TYR B 41 -10.43 -0.54 19.97
CA TYR B 41 -9.13 -1.17 19.80
C TYR B 41 -8.99 -2.35 20.74
N LEU B 42 -8.18 -3.32 20.33
CA LEU B 42 -7.75 -4.42 21.18
C LEU B 42 -6.24 -4.39 21.24
N GLN B 43 -5.70 -4.53 22.45
CA GLN B 43 -4.26 -4.71 22.64
C GLN B 43 -4.05 -6.07 23.27
N LYS B 44 -3.59 -7.03 22.48
CA LYS B 44 -3.28 -8.33 23.03
C LYS B 44 -2.00 -8.23 23.87
N PRO B 45 -1.81 -9.14 24.82
CA PRO B 45 -0.66 -9.03 25.72
C PRO B 45 0.66 -9.01 24.97
N GLY B 46 1.48 -8.01 25.25
CA GLY B 46 2.77 -7.87 24.61
C GLY B 46 2.75 -7.38 23.18
N GLN B 47 1.59 -7.05 22.64
CA GLN B 47 1.44 -6.64 21.25
C GLN B 47 1.09 -5.16 21.14
N SER B 48 1.20 -4.64 19.90
CA SER B 48 0.73 -3.31 19.56
C SER B 48 -0.79 -3.33 19.45
N PRO B 49 -1.46 -2.20 19.74
CA PRO B 49 -2.91 -2.13 19.58
C PRO B 49 -3.33 -2.45 18.16
N GLN B 50 -4.54 -2.99 18.00
CA GLN B 50 -5.09 -3.24 16.69
C GLN B 50 -6.54 -2.76 16.65
N LEU B 51 -6.93 -2.23 15.51
CA LEU B 51 -8.28 -1.70 15.35
C LEU B 51 -9.27 -2.85 15.15
N LEU B 52 -10.41 -2.78 15.82
CA LEU B 52 -11.51 -3.72 15.63
C LEU B 52 -12.70 -3.11 14.91
N ILE B 53 -13.16 -1.96 15.38
CA ILE B 53 -14.41 -1.35 14.96
C ILE B 53 -14.14 0.13 14.72
N TYR B 54 -14.63 0.67 13.60
CA TYR B 54 -14.56 2.10 13.39
C TYR B 54 -15.95 2.68 13.17
N GLU B 55 -16.12 3.93 13.62
CA GLU B 55 -17.36 4.65 13.51
C GLU B 55 -18.53 3.80 14.00
N VAL B 56 -18.40 3.35 15.26
CA VAL B 56 -19.44 2.69 16.06
C VAL B 56 -19.63 1.23 15.69
N SER B 57 -19.87 0.94 14.41
CA SER B 57 -20.37 -0.36 14.01
C SER B 57 -19.68 -1.00 12.81
N ASN B 58 -18.63 -0.41 12.25
CA ASN B 58 -17.99 -0.96 11.06
C ASN B 58 -16.79 -1.83 11.45
N ARG B 59 -16.83 -3.10 11.08
N ARG B 59 -16.83 -3.10 11.08
CA ARG B 59 -15.70 -3.97 11.34
CA ARG B 59 -15.70 -3.98 11.34
C ARG B 59 -14.53 -3.60 10.42
C ARG B 59 -14.53 -3.62 10.42
N PHE B 60 -13.35 -3.48 11.00
CA PHE B 60 -12.14 -3.31 10.20
C PHE B 60 -11.87 -4.61 9.42
N SER B 61 -11.34 -4.44 8.21
CA SER B 61 -11.04 -5.57 7.32
C SER B 61 -10.25 -6.67 8.02
N GLY B 62 -10.75 -7.91 7.92
CA GLY B 62 -10.10 -9.05 8.53
C GLY B 62 -10.45 -9.32 9.98
N VAL B 63 -11.21 -8.45 10.62
CA VAL B 63 -11.66 -8.71 12.00
C VAL B 63 -12.79 -9.72 11.96
N PRO B 64 -12.77 -10.75 12.82
CA PRO B 64 -13.79 -11.81 12.77
C PRO B 64 -15.19 -11.28 13.02
N GLU B 65 -16.17 -11.95 12.41
CA GLU B 65 -17.52 -11.42 12.46
C GLU B 65 -18.15 -11.53 13.84
N ARG B 66 -17.55 -12.28 14.77
CA ARG B 66 -18.10 -12.30 16.12
C ARG B 66 -17.97 -10.96 16.85
N PHE B 67 -17.19 -10.01 16.33
CA PHE B 67 -17.10 -8.66 16.89
C PHE B 67 -18.14 -7.75 16.25
N SER B 68 -18.92 -7.04 17.07
CA SER B 68 -19.78 -6.01 16.52
C SER B 68 -19.87 -4.85 17.49
N GLY B 69 -20.25 -3.69 16.98
CA GLY B 69 -20.45 -2.52 17.82
C GLY B 69 -21.74 -1.82 17.49
N SER B 70 -22.28 -1.11 18.48
CA SER B 70 -23.53 -0.40 18.32
C SER B 70 -23.53 0.79 19.26
N GLY B 71 -24.54 1.64 19.13
CA GLY B 71 -24.73 2.77 20.01
C GLY B 71 -24.86 4.07 19.25
N SER B 72 -25.05 5.15 20.01
CA SER B 72 -25.20 6.46 19.40
C SER B 72 -25.04 7.53 20.47
N GLY B 73 -24.70 8.73 20.02
CA GLY B 73 -24.58 9.88 20.90
C GLY B 73 -23.46 9.70 21.91
N THR B 74 -23.81 9.28 23.11
CA THR B 74 -22.85 9.15 24.19
C THR B 74 -22.70 7.73 24.73
N ASP B 75 -23.52 6.78 24.29
CA ASP B 75 -23.47 5.42 24.83
C ASP B 75 -23.21 4.41 23.72
N PHE B 76 -22.18 3.59 23.91
CA PHE B 76 -21.75 2.64 22.89
C PHE B 76 -21.45 1.30 23.54
N THR B 77 -21.50 0.23 22.73
CA THR B 77 -21.29 -1.11 23.25
C THR B 77 -20.50 -1.93 22.24
N LEU B 78 -19.46 -2.61 22.72
CA LEU B 78 -18.75 -3.63 21.95
C LEU B 78 -19.21 -5.01 22.39
N LYS B 79 -19.56 -5.86 21.43
CA LYS B 79 -20.03 -7.21 21.70
C LYS B 79 -19.13 -8.23 21.00
N ILE B 80 -18.66 -9.20 21.77
CA ILE B 80 -17.94 -10.35 21.23
C ILE B 80 -18.84 -11.56 21.45
N ARG B 81 -19.32 -12.17 20.35
CA ARG B 81 -20.45 -13.09 20.49
C ARG B 81 -20.03 -14.43 21.10
N ARG B 82 -18.88 -14.97 20.72
CA ARG B 82 -18.39 -16.22 21.32
C ARG B 82 -16.89 -16.06 21.54
N VAL B 83 -16.51 -15.74 22.77
CA VAL B 83 -15.14 -15.39 23.08
C VAL B 83 -14.23 -16.60 22.94
N GLU B 84 -13.02 -16.36 22.40
CA GLU B 84 -11.97 -17.36 22.19
C GLU B 84 -10.70 -16.91 22.91
N ALA B 85 -9.77 -17.84 23.07
CA ALA B 85 -8.50 -17.51 23.72
C ALA B 85 -7.77 -16.36 23.02
N GLU B 86 -7.89 -16.26 21.69
CA GLU B 86 -7.18 -15.18 20.99
C GLU B 86 -7.79 -13.80 21.25
N ASP B 87 -8.97 -13.74 21.88
CA ASP B 87 -9.60 -12.46 22.20
C ASP B 87 -9.14 -11.88 23.53
N VAL B 88 -8.28 -12.58 24.28
CA VAL B 88 -7.80 -12.11 25.57
C VAL B 88 -6.89 -10.89 25.39
N GLY B 89 -7.05 -9.91 26.26
CA GLY B 89 -6.26 -8.70 26.20
C GLY B 89 -7.07 -7.54 26.72
N VAL B 90 -6.65 -6.32 26.38
CA VAL B 90 -7.32 -5.11 26.85
C VAL B 90 -8.03 -4.45 25.68
N TYR B 91 -9.29 -4.10 25.89
CA TYR B 91 -10.13 -3.43 24.89
C TYR B 91 -10.27 -1.96 25.29
N TYR B 92 -10.04 -1.06 24.32
CA TYR B 92 -10.16 0.38 24.53
C TYR B 92 -11.15 0.99 23.56
N CYS B 93 -12.03 1.86 24.05
CA CYS B 93 -12.72 2.75 23.13
C CYS B 93 -11.90 4.04 22.95
N MET B 94 -12.11 4.73 21.83
CA MET B 94 -11.38 5.96 21.55
C MET B 94 -12.25 6.92 20.74
N GLN B 95 -12.20 8.21 21.06
CA GLN B 95 -12.89 9.23 20.30
C GLN B 95 -11.89 10.16 19.62
N ARG B 96 -12.28 10.67 18.46
CA ARG B 96 -11.45 11.55 17.64
C ARG B 96 -12.23 12.83 17.29
N ILE B 97 -13.41 13.04 17.89
CA ILE B 97 -14.20 14.21 17.51
C ILE B 97 -13.62 15.50 18.10
N ASP B 98 -12.86 15.41 19.19
CA ASP B 98 -12.39 16.59 19.92
C ASP B 98 -10.92 16.41 20.25
N LEU B 99 -10.21 17.54 20.40
CA LEU B 99 -8.83 17.45 20.86
C LEU B 99 -8.77 17.67 22.37
N PRO B 100 -8.03 16.85 23.11
CA PRO B 100 -7.19 15.76 22.60
C PRO B 100 -8.01 14.52 22.22
N TRP B 101 -7.53 13.70 21.30
CA TRP B 101 -8.08 12.36 21.14
C TRP B 101 -7.93 11.62 22.46
N THR B 102 -8.99 10.94 22.92
CA THR B 102 -8.90 10.27 24.22
C THR B 102 -9.42 8.84 24.17
N PHE B 103 -8.92 8.04 25.12
CA PHE B 103 -9.24 6.64 25.25
C PHE B 103 -9.99 6.39 26.56
N GLY B 104 -10.79 5.33 26.58
CA GLY B 104 -11.24 4.77 27.83
C GLY B 104 -10.07 4.18 28.60
N GLN B 105 -10.34 3.77 29.84
CA GLN B 105 -9.23 3.29 30.67
C GLN B 105 -8.83 1.86 30.31
N GLY B 106 -9.62 1.17 29.49
CA GLY B 106 -9.33 -0.19 29.10
C GLY B 106 -10.09 -1.23 29.91
N THR B 107 -10.61 -2.24 29.22
CA THR B 107 -11.31 -3.35 29.87
C THR B 107 -10.52 -4.63 29.64
N LYS B 108 -10.08 -5.26 30.71
CA LYS B 108 -9.29 -6.48 30.58
C LYS B 108 -10.21 -7.69 30.47
N VAL B 109 -10.03 -8.49 29.41
CA VAL B 109 -10.80 -9.70 29.18
C VAL B 109 -9.90 -10.92 29.36
N GLU B 110 -10.34 -11.87 30.20
CA GLU B 110 -9.68 -13.15 30.36
C GLU B 110 -10.66 -14.28 30.07
N ILE B 111 -10.11 -15.47 29.84
CA ILE B 111 -10.94 -16.67 29.72
C ILE B 111 -11.27 -17.17 31.12
N LYS B 112 -12.55 -17.46 31.37
CA LYS B 112 -12.99 -18.04 32.65
C LYS B 112 -13.06 -19.55 32.48
N ARG B 113 -12.04 -20.26 32.96
CA ARG B 113 -12.00 -21.70 32.92
C ARG B 113 -12.32 -22.26 34.30
N THR B 114 -12.44 -23.58 34.38
CA THR B 114 -12.69 -24.25 35.65
C THR B 114 -11.56 -23.97 36.65
N VAL B 115 -11.92 -23.97 37.93
CA VAL B 115 -10.92 -23.74 38.96
C VAL B 115 -9.80 -24.75 38.83
N ALA B 116 -8.55 -24.30 38.97
CA ALA B 116 -7.39 -25.17 38.94
C ALA B 116 -6.44 -24.73 40.04
N ALA B 117 -6.03 -25.68 40.90
CA ALA B 117 -5.17 -25.35 42.02
C ALA B 117 -3.72 -25.20 41.57
N PRO B 118 -2.95 -24.34 42.24
CA PRO B 118 -1.51 -24.24 41.95
C PRO B 118 -0.72 -25.44 42.44
N SER B 119 0.33 -25.76 41.67
CA SER B 119 1.43 -26.58 42.17
C SER B 119 2.47 -25.64 42.79
N VAL B 120 2.92 -25.95 44.00
CA VAL B 120 3.79 -25.03 44.74
C VAL B 120 5.19 -25.62 44.81
N PHE B 121 6.19 -24.78 44.55
CA PHE B 121 7.61 -25.14 44.66
C PHE B 121 8.34 -24.03 45.40
N ILE B 122 9.33 -24.39 46.24
CA ILE B 122 10.15 -23.40 46.93
C ILE B 122 11.61 -23.64 46.55
N PHE B 123 12.38 -22.55 46.48
CA PHE B 123 13.79 -22.60 46.10
C PHE B 123 14.59 -21.78 47.11
N PRO B 124 15.52 -22.40 47.84
CA PRO B 124 16.39 -21.62 48.71
C PRO B 124 17.33 -20.75 47.89
N PRO B 125 17.97 -19.77 48.51
CA PRO B 125 18.95 -18.95 47.78
C PRO B 125 20.17 -19.78 47.39
N SER B 126 20.72 -19.43 46.24
CA SER B 126 21.87 -20.16 45.70
C SER B 126 23.14 -19.77 46.45
N ASP B 127 24.07 -20.74 46.57
CA ASP B 127 25.35 -20.43 47.19
C ASP B 127 26.09 -19.34 46.43
N GLU B 128 25.91 -19.27 45.10
CA GLU B 128 26.50 -18.17 44.35
C GLU B 128 25.98 -16.83 44.85
N GLN B 129 24.66 -16.71 45.06
CA GLN B 129 24.11 -15.45 45.52
C GLN B 129 24.54 -15.16 46.96
N LEU B 130 24.56 -16.18 47.81
CA LEU B 130 24.94 -15.98 49.21
C LEU B 130 26.31 -15.33 49.34
N LYS B 131 27.28 -15.76 48.53
CA LYS B 131 28.60 -15.15 48.57
C LYS B 131 28.54 -13.64 48.37
N SER B 132 27.55 -13.15 47.62
CA SER B 132 27.44 -11.73 47.32
C SER B 132 26.83 -10.91 48.45
N GLY B 133 26.29 -11.55 49.49
CA GLY B 133 25.75 -10.83 50.64
C GLY B 133 24.26 -10.66 50.67
N THR B 134 23.51 -11.34 49.79
CA THR B 134 22.07 -11.25 49.75
C THR B 134 21.48 -12.63 49.50
N ALA B 135 20.29 -12.87 50.03
CA ALA B 135 19.61 -14.16 49.93
C ALA B 135 18.20 -13.93 49.44
N SER B 136 17.86 -14.53 48.30
CA SER B 136 16.52 -14.47 47.74
C SER B 136 15.91 -15.87 47.84
N VAL B 137 14.77 -15.98 48.50
CA VAL B 137 14.00 -17.21 48.54
C VAL B 137 12.82 -17.05 47.61
N VAL B 138 12.59 -18.03 46.74
CA VAL B 138 11.55 -17.93 45.71
C VAL B 138 10.54 -19.03 45.93
N CYS B 139 9.26 -18.65 45.93
CA CYS B 139 8.13 -19.57 45.97
C CYS B 139 7.40 -19.43 44.64
N LEU B 140 7.13 -20.56 43.99
CA LEU B 140 6.51 -20.59 42.67
C LEU B 140 5.15 -21.27 42.74
N LEU B 141 4.13 -20.61 42.19
CA LEU B 141 2.79 -21.18 42.09
C LEU B 141 2.52 -21.42 40.61
N ASN B 142 2.38 -22.68 40.20
CA ASN B 142 2.35 -23.01 38.78
C ASN B 142 0.95 -23.43 38.33
N ASN B 143 0.49 -22.82 37.24
CA ASN B 143 -0.69 -23.23 36.48
C ASN B 143 -1.96 -23.31 37.32
N PHE B 144 -2.52 -22.17 37.69
CA PHE B 144 -3.70 -22.14 38.51
C PHE B 144 -4.73 -21.18 37.93
N TYR B 145 -5.97 -21.30 38.42
CA TYR B 145 -7.06 -20.42 38.01
C TYR B 145 -8.12 -20.46 39.11
N PRO B 146 -8.70 -19.32 39.51
CA PRO B 146 -8.45 -17.94 39.07
C PRO B 146 -7.12 -17.33 39.52
N ARG B 147 -6.90 -16.11 39.06
CA ARG B 147 -5.65 -15.40 39.29
C ARG B 147 -5.42 -15.09 40.78
N GLU B 148 -6.50 -14.96 41.55
CA GLU B 148 -6.40 -14.60 42.95
C GLU B 148 -5.74 -15.73 43.74
N ALA B 149 -4.71 -15.39 44.50
CA ALA B 149 -3.99 -16.36 45.30
C ALA B 149 -3.31 -15.59 46.42
N LYS B 150 -3.06 -16.27 47.53
CA LYS B 150 -2.44 -15.63 48.68
C LYS B 150 -1.18 -16.41 49.03
N VAL B 151 -0.04 -15.72 49.07
CA VAL B 151 1.23 -16.33 49.43
C VAL B 151 1.73 -15.62 50.68
N GLN B 152 2.05 -16.39 51.73
CA GLN B 152 2.53 -15.85 52.98
C GLN B 152 3.86 -16.49 53.32
N TRP B 153 4.85 -15.67 53.65
CA TRP B 153 6.15 -16.15 54.08
C TRP B 153 6.17 -16.26 55.60
N LYS B 154 6.76 -17.35 56.11
CA LYS B 154 6.86 -17.57 57.55
C LYS B 154 8.27 -18.07 57.82
N VAL B 155 8.99 -17.35 58.69
CA VAL B 155 10.38 -17.61 58.99
C VAL B 155 10.46 -17.94 60.48
N ASP B 156 10.79 -19.19 60.81
CA ASP B 156 10.78 -19.67 62.20
C ASP B 156 9.47 -19.30 62.88
N ASN B 157 8.36 -19.57 62.19
CA ASN B 157 6.98 -19.39 62.63
C ASN B 157 6.52 -17.93 62.66
N ALA B 158 7.38 -16.97 62.30
CA ALA B 158 7.01 -15.57 62.30
C ALA B 158 6.62 -15.13 60.88
N LEU B 159 5.44 -14.54 60.76
CA LEU B 159 4.99 -14.06 59.45
C LEU B 159 5.79 -12.85 59.01
N GLN B 160 6.06 -12.78 57.71
CA GLN B 160 6.90 -11.76 57.12
C GLN B 160 6.03 -10.72 56.40
N SER B 161 6.41 -9.46 56.50
CA SER B 161 5.74 -8.41 55.74
C SER B 161 6.76 -7.43 55.21
N GLY B 162 6.51 -6.93 54.00
CA GLY B 162 7.28 -5.86 53.40
C GLY B 162 8.61 -6.26 52.81
N ASN B 163 8.98 -7.53 52.84
CA ASN B 163 10.27 -7.97 52.29
C ASN B 163 10.10 -8.98 51.17
N SER B 164 8.90 -9.06 50.57
CA SER B 164 8.65 -9.94 49.45
C SER B 164 7.95 -9.17 48.33
N GLN B 165 8.13 -9.65 47.11
CA GLN B 165 7.44 -9.10 45.95
C GLN B 165 6.92 -10.25 45.10
N GLU B 166 5.77 -10.01 44.47
CA GLU B 166 5.09 -11.00 43.64
C GLU B 166 5.06 -10.53 42.19
N SER B 167 5.15 -11.48 41.27
CA SER B 167 4.89 -11.26 39.85
C SER B 167 3.98 -12.37 39.32
N VAL B 168 3.09 -12.02 38.39
N VAL B 168 3.06 -12.00 38.42
CA VAL B 168 2.14 -12.98 37.84
CA VAL B 168 2.12 -12.94 37.83
C VAL B 168 2.16 -12.88 36.33
C VAL B 168 2.26 -12.87 36.32
N THR B 169 2.15 -14.03 35.66
CA THR B 169 2.17 -14.08 34.21
C THR B 169 0.82 -13.65 33.64
N GLU B 170 0.82 -13.37 32.33
CA GLU B 170 -0.44 -13.24 31.61
C GLU B 170 -1.08 -14.63 31.47
N GLN B 171 -2.37 -14.65 31.11
CA GLN B 171 -3.08 -15.92 31.02
C GLN B 171 -2.48 -16.78 29.90
N ASP B 172 -2.11 -18.01 30.24
CA ASP B 172 -1.52 -18.92 29.25
C ASP B 172 -2.55 -19.32 28.19
N SER B 173 -2.22 -19.12 26.91
CA SER B 173 -3.14 -19.50 25.84
C SER B 173 -3.37 -21.01 25.75
N LYS B 174 -2.43 -21.84 26.25
CA LYS B 174 -2.57 -23.29 26.11
C LYS B 174 -3.60 -23.88 27.07
N ASP B 175 -3.64 -23.40 28.33
CA ASP B 175 -4.58 -23.98 29.28
C ASP B 175 -5.38 -22.93 30.06
N SER B 176 -5.25 -21.65 29.69
CA SER B 176 -5.97 -20.54 30.33
C SER B 176 -5.64 -20.37 31.83
N THR B 177 -4.42 -20.71 32.25
CA THR B 177 -4.00 -20.57 33.64
C THR B 177 -3.01 -19.42 33.80
N TYR B 178 -2.72 -19.11 35.06
CA TYR B 178 -1.72 -18.15 35.49
C TYR B 178 -0.64 -18.89 36.29
N SER B 179 0.52 -18.27 36.40
CA SER B 179 1.52 -18.69 37.38
C SER B 179 2.00 -17.45 38.11
N LEU B 180 2.58 -17.65 39.29
CA LEU B 180 2.98 -16.55 40.14
C LEU B 180 4.27 -16.93 40.85
N SER B 181 5.18 -15.97 40.98
CA SER B 181 6.37 -16.12 41.80
C SER B 181 6.30 -15.12 42.94
N SER B 182 6.78 -15.51 44.11
CA SER B 182 6.95 -14.60 45.22
C SER B 182 8.38 -14.73 45.70
N THR B 183 9.07 -13.60 45.85
CA THR B 183 10.48 -13.60 46.23
C THR B 183 10.65 -12.87 47.55
N LEU B 184 11.17 -13.59 48.56
CA LEU B 184 11.55 -13.00 49.83
C LEU B 184 13.03 -12.64 49.76
N THR B 185 13.37 -11.38 50.00
N THR B 185 13.37 -11.38 50.01
CA THR B 185 14.76 -10.95 49.96
CA THR B 185 14.75 -10.94 49.96
C THR B 185 15.22 -10.55 51.36
C THR B 185 15.23 -10.52 51.34
N LEU B 186 16.35 -11.09 51.77
CA LEU B 186 16.96 -10.75 53.05
C LEU B 186 18.46 -10.59 52.84
N SER B 187 19.07 -9.71 53.63
CA SER B 187 20.52 -9.69 53.71
C SER B 187 21.00 -11.03 54.25
N LYS B 188 22.16 -11.47 53.78
CA LYS B 188 22.62 -12.79 54.20
C LYS B 188 22.83 -12.85 55.70
N ALA B 189 23.16 -11.72 56.34
CA ALA B 189 23.29 -11.70 57.80
C ALA B 189 21.97 -12.04 58.46
N ASP B 190 20.87 -11.44 57.98
CA ASP B 190 19.57 -11.77 58.55
C ASP B 190 19.12 -13.16 58.16
N TYR B 191 19.45 -13.60 56.94
CA TYR B 191 19.09 -14.96 56.50
C TYR B 191 19.73 -16.01 57.39
N GLU B 192 20.98 -15.81 57.80
CA GLU B 192 21.68 -16.80 58.60
C GLU B 192 21.28 -16.78 60.07
N LYS B 193 20.33 -15.95 60.48
CA LYS B 193 19.85 -15.91 61.86
C LYS B 193 18.59 -16.74 62.06
N HIS B 194 18.17 -17.48 61.04
CA HIS B 194 16.95 -18.27 61.13
C HIS B 194 17.16 -19.59 60.44
N LYS B 195 16.28 -20.55 60.73
CA LYS B 195 16.41 -21.91 60.22
C LYS B 195 15.29 -22.29 59.26
N VAL B 196 14.03 -22.16 59.68
CA VAL B 196 12.91 -22.67 58.90
C VAL B 196 12.36 -21.58 57.99
N TYR B 197 12.23 -21.89 56.70
CA TYR B 197 11.71 -20.95 55.70
C TYR B 197 10.56 -21.63 54.97
N ALA B 198 9.36 -21.04 55.04
CA ALA B 198 8.17 -21.64 54.47
C ALA B 198 7.36 -20.59 53.71
N CYS B 199 6.78 -21.01 52.60
CA CYS B 199 5.75 -20.21 51.94
C CYS B 199 4.45 -20.98 52.00
N GLU B 200 3.39 -20.32 52.42
CA GLU B 200 2.08 -20.95 52.55
C GLU B 200 1.13 -20.34 51.55
N VAL B 201 0.43 -21.21 50.81
CA VAL B 201 -0.38 -20.81 49.65
C VAL B 201 -1.86 -21.11 49.93
N THR B 202 -2.69 -20.10 49.75
CA THR B 202 -4.14 -20.22 49.80
C THR B 202 -4.73 -19.91 48.43
N HIS B 203 -5.66 -20.75 47.98
CA HIS B 203 -6.24 -20.60 46.66
C HIS B 203 -7.60 -21.30 46.65
N GLN B 204 -8.49 -20.82 45.78
CA GLN B 204 -9.83 -21.40 45.67
C GLN B 204 -9.79 -22.88 45.33
N GLY B 205 -8.79 -23.31 44.58
CA GLY B 205 -8.64 -24.71 44.23
C GLY B 205 -8.03 -25.59 45.30
N LEU B 206 -7.65 -25.03 46.44
CA LEU B 206 -7.07 -25.79 47.53
C LEU B 206 -8.07 -25.91 48.67
N SER B 207 -8.36 -27.14 49.08
CA SER B 207 -9.25 -27.32 50.22
C SER B 207 -8.56 -26.95 51.53
N SER B 208 -7.26 -27.22 51.64
CA SER B 208 -6.45 -26.78 52.76
C SER B 208 -5.20 -26.09 52.23
N PRO B 209 -4.74 -25.02 52.89
CA PRO B 209 -3.55 -24.31 52.41
C PRO B 209 -2.34 -25.24 52.32
N VAL B 210 -1.43 -24.89 51.42
CA VAL B 210 -0.28 -25.71 51.08
C VAL B 210 0.97 -24.97 51.50
N THR B 211 1.82 -25.66 52.24
CA THR B 211 3.06 -25.10 52.76
C THR B 211 4.24 -25.84 52.13
N LYS B 212 5.25 -25.09 51.72
CA LYS B 212 6.52 -25.64 51.27
C LYS B 212 7.60 -24.98 52.11
N SER B 213 8.41 -25.82 52.76
CA SER B 213 9.43 -25.34 53.67
C SER B 213 10.76 -26.01 53.38
N PHE B 214 11.82 -25.35 53.84
CA PHE B 214 13.14 -25.96 53.93
C PHE B 214 13.81 -25.42 55.19
N ASN B 215 14.85 -26.13 55.63
CA ASN B 215 15.71 -25.65 56.70
C ASN B 215 17.01 -25.15 56.08
N ARG B 216 17.46 -23.98 56.53
CA ARG B 216 18.68 -23.39 55.96
C ARG B 216 19.89 -24.29 56.16
N GLY B 217 20.45 -24.80 55.05
CA GLY B 217 21.63 -25.62 55.07
C GLY B 217 21.40 -27.04 55.54
N GLU B 218 20.39 -27.71 54.98
CA GLU B 218 20.07 -29.07 55.43
C GLU B 218 19.57 -29.95 54.27
N CYS B 219 20.06 -29.70 53.06
CA CYS B 219 19.64 -30.52 51.92
C CYS B 219 20.81 -30.77 50.97
N ASN C 2 -14.92 21.33 16.67
CA ASN C 2 -13.47 21.55 16.66
C ASN C 2 -12.82 20.91 15.45
N PRO C 3 -12.57 21.71 14.40
CA PRO C 3 -11.95 21.15 13.19
C PRO C 3 -10.49 20.76 13.36
N ASN C 4 -9.84 21.18 14.45
CA ASN C 4 -8.44 20.82 14.65
C ASN C 4 -8.27 19.35 15.02
N ALA C 5 -9.36 18.65 15.39
CA ALA C 5 -9.29 17.23 15.69
C ALA C 5 -9.29 16.37 14.43
N ASN C 6 -9.60 16.96 13.27
CA ASN C 6 -9.68 16.22 12.01
C ASN C 6 -8.29 16.14 11.39
N PRO C 7 -7.70 14.94 11.28
CA PRO C 7 -6.35 14.83 10.70
C PRO C 7 -6.32 14.88 9.18
N ASN C 8 -7.49 14.81 8.53
CA ASN C 8 -7.60 14.69 7.07
C ASN C 8 -8.26 15.90 6.43
N ALA C 9 -8.18 17.06 7.09
CA ALA C 9 -8.63 18.30 6.47
C ALA C 9 -7.75 19.43 6.99
N ASN C 10 -7.64 20.49 6.20
CA ASN C 10 -6.95 21.67 6.69
C ASN C 10 -7.88 22.39 7.66
N PRO C 11 -7.47 22.63 8.90
CA PRO C 11 -8.31 23.38 9.85
C PRO C 11 -8.29 24.88 9.61
N ASN C 12 -7.46 25.35 8.69
CA ASN C 12 -7.16 26.78 8.47
C ASN C 12 -6.48 27.37 9.70
N GLU D 1 3.88 -1.80 -5.61
CA GLU D 1 3.71 -1.12 -6.89
C GLU D 1 2.24 -0.81 -7.16
N VAL D 2 1.92 0.46 -7.42
CA VAL D 2 0.54 0.84 -7.71
C VAL D 2 0.18 0.32 -9.10
N GLN D 3 -0.95 -0.40 -9.19
CA GLN D 3 -1.45 -0.95 -10.46
C GLN D 3 -2.94 -0.67 -10.61
N LEU D 4 -3.34 -0.24 -11.81
CA LEU D 4 -4.74 -0.06 -12.17
C LEU D 4 -4.98 -0.71 -13.53
N VAL D 5 -6.07 -1.49 -13.65
CA VAL D 5 -6.39 -2.19 -14.90
C VAL D 5 -7.85 -1.95 -15.24
N GLU D 6 -8.11 -1.27 -16.36
CA GLU D 6 -9.46 -1.09 -16.87
C GLU D 6 -9.91 -2.34 -17.62
N SER D 7 -11.21 -2.65 -17.51
CA SER D 7 -11.78 -3.78 -18.24
C SER D 7 -13.25 -3.53 -18.50
N GLY D 8 -13.81 -4.32 -19.41
CA GLY D 8 -15.22 -4.25 -19.75
C GLY D 8 -15.50 -3.63 -21.10
N GLY D 9 -14.47 -3.15 -21.81
CA GLY D 9 -14.69 -2.43 -23.04
C GLY D 9 -15.04 -3.34 -24.20
N GLY D 10 -15.61 -2.75 -25.24
CA GLY D 10 -15.99 -3.52 -26.41
C GLY D 10 -17.10 -2.81 -27.16
N LEU D 11 -17.82 -3.59 -27.96
CA LEU D 11 -18.86 -3.07 -28.83
C LEU D 11 -20.19 -3.08 -28.12
N VAL D 12 -20.90 -1.95 -28.18
N VAL D 12 -20.90 -1.95 -28.18
CA VAL D 12 -22.22 -1.79 -27.56
CA VAL D 12 -22.22 -1.83 -27.56
C VAL D 12 -23.15 -1.12 -28.56
C VAL D 12 -23.15 -1.12 -28.54
N GLN D 13 -24.37 -1.61 -28.65
CA GLN D 13 -25.32 -0.98 -29.56
C GLN D 13 -25.76 0.36 -28.98
N PRO D 14 -25.97 1.38 -29.83
CA PRO D 14 -26.45 2.67 -29.33
C PRO D 14 -27.73 2.48 -28.53
N GLY D 15 -27.87 3.29 -27.47
CA GLY D 15 -28.98 3.15 -26.55
C GLY D 15 -28.79 2.16 -25.42
N ARG D 16 -27.79 1.28 -25.49
CA ARG D 16 -27.67 0.21 -24.51
C ARG D 16 -26.71 0.60 -23.39
N SER D 17 -26.43 -0.36 -22.52
CA SER D 17 -25.69 -0.14 -21.29
C SER D 17 -24.41 -0.95 -21.29
N LEU D 18 -23.42 -0.45 -20.55
CA LEU D 18 -22.11 -1.08 -20.46
C LEU D 18 -21.44 -0.60 -19.19
N ARG D 19 -20.87 -1.52 -18.42
CA ARG D 19 -20.19 -1.19 -17.17
C ARG D 19 -18.71 -1.51 -17.28
N LEU D 20 -17.88 -0.52 -16.96
CA LEU D 20 -16.43 -0.69 -16.92
C LEU D 20 -15.96 -0.90 -15.50
N SER D 21 -14.90 -1.67 -15.34
CA SER D 21 -14.27 -1.89 -14.04
C SER D 21 -12.85 -1.34 -14.06
N CYS D 22 -12.43 -0.80 -12.93
CA CYS D 22 -11.04 -0.40 -12.72
C CYS D 22 -10.55 -1.18 -11.49
N THR D 23 -9.75 -2.20 -11.72
CA THR D 23 -9.31 -3.12 -10.66
C THR D 23 -7.90 -2.74 -10.24
N THR D 24 -7.70 -2.50 -8.94
CA THR D 24 -6.49 -1.89 -8.45
C THR D 24 -5.73 -2.84 -7.52
N SER D 25 -4.45 -2.54 -7.33
CA SER D 25 -3.67 -3.23 -6.31
C SER D 25 -2.46 -2.38 -5.96
N GLY D 26 -1.81 -2.72 -4.85
CA GLY D 26 -0.64 -1.99 -4.41
C GLY D 26 -0.87 -0.86 -3.43
N PHE D 27 -2.11 -0.62 -3.01
CA PHE D 27 -2.39 0.49 -2.09
C PHE D 27 -3.75 0.25 -1.46
N THR D 28 -4.06 1.05 -0.44
CA THR D 28 -5.35 0.92 0.21
C THR D 28 -6.39 1.67 -0.62
N PHE D 29 -7.16 0.90 -1.39
CA PHE D 29 -8.05 1.47 -2.39
C PHE D 29 -9.00 2.49 -1.80
N GLY D 30 -9.59 2.18 -0.63
CA GLY D 30 -10.61 3.03 -0.05
C GLY D 30 -10.13 4.43 0.31
N ASP D 31 -8.84 4.61 0.55
CA ASP D 31 -8.31 5.89 1.00
C ASP D 31 -8.24 6.94 -0.09
N TYR D 32 -8.45 6.56 -1.36
CA TYR D 32 -8.18 7.42 -2.50
C TYR D 32 -9.42 7.74 -3.33
N ALA D 33 -9.50 8.97 -3.82
CA ALA D 33 -10.41 9.31 -4.90
C ALA D 33 -9.95 8.62 -6.18
N MET D 34 -10.92 8.20 -7.00
CA MET D 34 -10.67 7.58 -8.28
C MET D 34 -11.36 8.40 -9.37
N SER D 35 -10.65 8.68 -10.45
CA SER D 35 -11.18 9.52 -11.52
C SER D 35 -11.17 8.78 -12.84
N TRP D 36 -12.18 9.06 -13.68
CA TRP D 36 -12.32 8.48 -14.99
C TRP D 36 -12.13 9.56 -16.05
N PHE D 37 -11.45 9.18 -17.14
CA PHE D 37 -11.17 10.07 -18.27
C PHE D 37 -11.45 9.30 -19.56
N ARG D 38 -11.52 10.03 -20.67
CA ARG D 38 -11.70 9.34 -21.93
C ARG D 38 -10.99 10.11 -23.02
N GLN D 39 -10.67 9.39 -24.08
CA GLN D 39 -9.96 9.92 -25.24
C GLN D 39 -10.61 9.32 -26.48
N ALA D 40 -11.39 10.14 -27.18
CA ALA D 40 -11.97 9.71 -28.44
C ALA D 40 -10.86 9.45 -29.46
N PRO D 41 -11.08 8.54 -30.41
CA PRO D 41 -9.99 8.20 -31.35
C PRO D 41 -9.45 9.44 -32.05
N GLY D 42 -8.13 9.62 -31.95
CA GLY D 42 -7.46 10.76 -32.54
C GLY D 42 -7.73 12.12 -31.92
N LYS D 43 -8.38 12.18 -30.77
CA LYS D 43 -8.65 13.46 -30.11
C LYS D 43 -7.93 13.49 -28.75
N GLY D 44 -8.20 14.56 -28.00
CA GLY D 44 -7.50 14.81 -26.75
C GLY D 44 -8.18 14.16 -25.55
N LEU D 45 -7.60 14.38 -24.38
CA LEU D 45 -8.16 13.84 -23.16
C LEU D 45 -9.33 14.69 -22.67
N GLU D 46 -10.36 14.02 -22.12
CA GLU D 46 -11.47 14.69 -21.44
C GLU D 46 -11.72 14.01 -20.11
N TRP D 47 -12.13 14.80 -19.12
CA TRP D 47 -12.51 14.26 -17.82
C TRP D 47 -13.96 13.77 -17.87
N VAL D 48 -14.20 12.60 -17.29
CA VAL D 48 -15.54 11.99 -17.25
C VAL D 48 -16.18 12.15 -15.87
N GLY D 49 -15.44 11.85 -14.82
CA GLY D 49 -15.98 11.96 -13.47
C GLY D 49 -14.98 11.44 -12.46
N PHE D 50 -15.29 11.67 -11.20
CA PHE D 50 -14.49 11.06 -10.14
C PHE D 50 -15.41 10.69 -8.98
N ILE D 51 -14.90 9.86 -8.08
CA ILE D 51 -15.63 9.49 -6.87
C ILE D 51 -14.68 9.57 -5.69
N ARG D 52 -15.14 10.21 -4.62
CA ARG D 52 -14.30 10.50 -3.46
C ARG D 52 -14.18 9.26 -2.59
N SER D 53 -13.12 9.23 -1.78
CA SER D 53 -13.03 8.23 -0.72
C SER D 53 -14.27 8.34 0.16
N LYS D 54 -14.71 7.20 0.71
CA LYS D 54 -15.81 7.27 1.66
C LYS D 54 -15.44 8.09 2.89
N GLY D 55 -14.15 8.30 3.13
CA GLY D 55 -13.74 9.21 4.19
C GLY D 55 -14.20 10.63 3.98
N PHE D 56 -14.50 11.00 2.73
CA PHE D 56 -14.95 12.34 2.39
C PHE D 56 -16.37 12.31 1.82
N GLY D 57 -17.17 11.31 2.21
CA GLY D 57 -18.55 11.22 1.79
C GLY D 57 -18.79 10.25 0.66
N GLY D 58 -17.76 9.86 -0.08
CA GLY D 58 -17.92 8.87 -1.13
C GLY D 58 -18.80 9.30 -2.28
N THR D 59 -19.09 10.60 -2.42
CA THR D 59 -19.91 11.13 -3.51
C THR D 59 -19.09 11.27 -4.79
N ALA D 60 -19.80 11.31 -5.92
CA ALA D 60 -19.18 11.41 -7.23
C ALA D 60 -19.50 12.75 -7.88
N GLU D 61 -18.62 13.17 -8.80
CA GLU D 61 -18.83 14.34 -9.63
C GLU D 61 -18.70 13.92 -11.10
N TYR D 62 -19.39 14.65 -11.98
CA TYR D 62 -19.51 14.23 -13.37
C TYR D 62 -19.40 15.41 -14.33
N ALA D 63 -18.83 15.15 -15.49
CA ALA D 63 -18.86 16.09 -16.60
C ALA D 63 -20.29 16.24 -17.13
N ALA D 64 -20.58 17.40 -17.71
CA ALA D 64 -21.96 17.71 -18.09
C ALA D 64 -22.49 16.72 -19.13
N PHE D 65 -21.64 16.24 -20.04
CA PHE D 65 -22.13 15.37 -21.10
C PHE D 65 -22.48 13.95 -20.64
N VAL D 66 -22.26 13.60 -19.38
CA VAL D 66 -22.62 12.27 -18.87
C VAL D 66 -23.60 12.32 -17.72
N LYS D 67 -24.00 13.50 -17.25
CA LYS D 67 -24.88 13.59 -16.09
C LYS D 67 -26.22 12.92 -16.38
N GLY D 68 -26.67 12.10 -15.42
CA GLY D 68 -27.86 11.31 -15.58
C GLY D 68 -27.68 10.01 -16.32
N ARG D 69 -26.63 9.88 -17.13
CA ARG D 69 -26.44 8.67 -17.92
C ARG D 69 -25.43 7.72 -17.31
N PHE D 70 -24.37 8.27 -16.71
CA PHE D 70 -23.26 7.50 -16.19
C PHE D 70 -23.26 7.55 -14.67
N THR D 71 -22.83 6.48 -14.04
CA THR D 71 -22.70 6.42 -12.59
C THR D 71 -21.36 5.81 -12.23
N ILE D 72 -20.61 6.49 -11.39
CA ILE D 72 -19.39 5.96 -10.83
C ILE D 72 -19.71 5.42 -9.45
N SER D 73 -19.27 4.21 -9.16
CA SER D 73 -19.38 3.63 -7.82
C SER D 73 -18.07 2.94 -7.46
N ARG D 74 -17.96 2.53 -6.21
CA ARG D 74 -16.76 1.85 -5.75
C ARG D 74 -17.14 0.69 -4.83
N ASP D 75 -16.33 -0.34 -4.87
CA ASP D 75 -16.42 -1.50 -3.99
C ASP D 75 -15.09 -1.57 -3.25
N ASP D 76 -15.03 -0.99 -2.06
CA ASP D 76 -13.76 -0.91 -1.34
C ASP D 76 -13.23 -2.29 -0.95
N SER D 77 -14.13 -3.26 -0.71
CA SER D 77 -13.66 -4.56 -0.26
C SER D 77 -12.95 -5.33 -1.37
N ARG D 78 -13.31 -5.08 -2.63
CA ARG D 78 -12.66 -5.75 -3.77
C ARG D 78 -11.67 -4.84 -4.50
N SER D 79 -11.56 -3.58 -4.07
CA SER D 79 -10.62 -2.61 -4.63
C SER D 79 -10.90 -2.34 -6.11
N ILE D 80 -12.16 -2.10 -6.43
CA ILE D 80 -12.61 -1.88 -7.81
C ILE D 80 -13.45 -0.60 -7.85
N ALA D 81 -13.21 0.23 -8.86
CA ALA D 81 -14.10 1.35 -9.15
C ALA D 81 -14.84 1.06 -10.44
N TYR D 82 -16.11 1.44 -10.51
CA TYR D 82 -16.97 1.10 -11.63
C TYR D 82 -17.39 2.36 -12.37
N LEU D 83 -17.49 2.25 -13.70
CA LEU D 83 -18.14 3.28 -14.51
C LEU D 83 -19.31 2.61 -15.20
N GLN D 84 -20.52 2.90 -14.74
CA GLN D 84 -21.74 2.36 -15.33
C GLN D 84 -22.27 3.33 -16.37
N MET D 85 -22.26 2.92 -17.63
CA MET D 85 -22.77 3.76 -18.71
C MET D 85 -24.13 3.25 -19.17
N THR D 86 -25.04 4.19 -19.46
CA THR D 86 -26.36 3.86 -19.99
C THR D 86 -26.69 4.83 -21.12
N SER D 87 -27.64 4.43 -21.97
CA SER D 87 -28.08 5.27 -23.08
C SER D 87 -26.91 5.76 -23.91
N LEU D 88 -26.09 4.82 -24.38
CA LEU D 88 -24.84 5.17 -25.02
C LEU D 88 -25.09 5.70 -26.43
N LYS D 89 -24.27 6.67 -26.83
CA LYS D 89 -24.35 7.33 -28.12
C LYS D 89 -23.08 7.07 -28.91
N PRO D 90 -23.12 7.21 -30.24
CA PRO D 90 -21.89 7.00 -31.02
C PRO D 90 -20.75 7.90 -30.59
N GLU D 91 -21.06 9.13 -30.20
CA GLU D 91 -19.99 10.02 -29.78
C GLU D 91 -19.44 9.67 -28.39
N ASP D 92 -19.92 8.61 -27.74
CA ASP D 92 -19.28 8.10 -26.52
C ASP D 92 -18.16 7.11 -26.83
N THR D 93 -17.97 6.75 -28.09
CA THR D 93 -16.86 5.88 -28.48
C THR D 93 -15.53 6.54 -28.10
N ALA D 94 -14.73 5.83 -27.32
CA ALA D 94 -13.48 6.37 -26.78
C ALA D 94 -12.75 5.30 -26.01
N VAL D 95 -11.45 5.51 -25.79
CA VAL D 95 -10.73 4.76 -24.76
C VAL D 95 -11.02 5.41 -23.42
N TYR D 96 -11.37 4.60 -22.42
CA TYR D 96 -11.74 5.07 -21.10
C TYR D 96 -10.63 4.67 -20.13
N TYR D 97 -10.12 5.65 -19.37
CA TYR D 97 -9.03 5.47 -18.42
C TYR D 97 -9.53 5.69 -16.99
N CYS D 98 -9.00 4.93 -16.06
CA CYS D 98 -9.20 5.23 -14.65
C CYS D 98 -7.86 5.65 -14.06
N SER D 99 -7.92 6.41 -12.96
CA SER D 99 -6.69 6.95 -12.39
C SER D 99 -6.86 7.12 -10.89
N ARG D 100 -5.77 6.98 -10.17
CA ARG D 100 -5.78 7.25 -8.72
C ARG D 100 -5.41 8.72 -8.50
N VAL D 101 -6.28 9.43 -7.79
CA VAL D 101 -6.04 10.83 -7.45
C VAL D 101 -5.21 10.89 -6.18
N GLY D 102 -4.10 11.64 -6.20
CA GLY D 102 -3.25 11.74 -5.02
C GLY D 102 -3.85 12.63 -3.94
N VAL D 103 -3.24 12.62 -2.76
CA VAL D 103 -3.63 13.53 -1.69
C VAL D 103 -2.73 14.76 -1.64
N VAL D 104 -1.41 14.57 -1.62
N VAL D 104 -1.41 14.55 -1.56
CA VAL D 104 -0.51 15.72 -1.65
CA VAL D 104 -0.49 15.68 -1.66
C VAL D 104 -0.42 16.29 -3.06
C VAL D 104 -0.57 16.27 -3.07
N ILE D 105 -0.45 15.42 -4.07
CA ILE D 105 -0.53 15.82 -5.48
C ILE D 105 -1.96 15.49 -5.87
N ALA D 106 -2.87 16.44 -5.68
CA ALA D 106 -4.29 16.14 -5.77
C ALA D 106 -4.81 16.16 -7.21
N THR D 107 -4.18 15.42 -8.11
CA THR D 107 -4.73 15.20 -9.45
C THR D 107 -4.59 13.71 -9.77
N ALA D 108 -5.04 13.34 -10.97
CA ALA D 108 -4.89 12.00 -11.50
C ALA D 108 -3.42 11.70 -11.72
N VAL D 109 -2.81 10.93 -10.81
CA VAL D 109 -1.37 10.67 -10.87
C VAL D 109 -1.07 9.38 -11.65
N TYR D 110 -1.70 8.28 -11.25
CA TYR D 110 -1.43 6.95 -11.82
C TYR D 110 -2.61 6.53 -12.67
N TRP D 111 -2.35 6.21 -13.94
CA TRP D 111 -3.38 5.89 -14.93
C TRP D 111 -3.26 4.43 -15.36
N GLY D 112 -4.40 3.79 -15.61
CA GLY D 112 -4.39 2.49 -16.24
C GLY D 112 -4.13 2.60 -17.74
N GLN D 113 -4.10 1.44 -18.40
CA GLN D 113 -3.83 1.40 -19.84
C GLN D 113 -5.03 1.78 -20.69
N GLY D 114 -6.23 1.77 -20.11
CA GLY D 114 -7.44 2.17 -20.80
C GLY D 114 -8.12 0.99 -21.47
N THR D 115 -9.41 1.17 -21.74
CA THR D 115 -10.21 0.13 -22.41
C THR D 115 -11.11 0.83 -23.42
N LEU D 116 -11.16 0.28 -24.64
CA LEU D 116 -11.89 0.92 -25.72
C LEU D 116 -13.36 0.48 -25.71
N VAL D 117 -14.25 1.46 -25.70
CA VAL D 117 -15.68 1.24 -25.87
C VAL D 117 -16.06 1.78 -27.24
N THR D 118 -16.68 0.93 -28.05
CA THR D 118 -17.15 1.28 -29.39
C THR D 118 -18.67 1.21 -29.38
N VAL D 119 -19.32 2.36 -29.56
CA VAL D 119 -20.78 2.42 -29.64
C VAL D 119 -21.14 2.46 -31.12
N SER D 120 -21.70 1.35 -31.61
CA SER D 120 -22.01 1.22 -33.03
C SER D 120 -23.12 0.19 -33.22
N SER D 121 -23.93 0.40 -34.25
CA SER D 121 -24.96 -0.57 -34.58
C SER D 121 -24.45 -1.71 -35.47
N ALA D 122 -23.25 -1.58 -36.04
CA ALA D 122 -22.69 -2.65 -36.87
C ALA D 122 -22.32 -3.86 -36.02
N SER D 123 -22.32 -5.03 -36.66
CA SER D 123 -22.05 -6.29 -36.00
C SER D 123 -20.55 -6.56 -35.93
N THR D 124 -20.18 -7.42 -34.98
CA THR D 124 -18.79 -7.84 -34.84
C THR D 124 -18.38 -8.69 -36.04
N LYS D 125 -17.12 -8.55 -36.44
CA LYS D 125 -16.54 -9.41 -37.47
C LYS D 125 -15.09 -9.69 -37.11
N GLY D 126 -14.74 -10.98 -37.06
CA GLY D 126 -13.37 -11.38 -36.85
C GLY D 126 -12.52 -11.25 -38.11
N PRO D 127 -11.21 -11.07 -37.95
CA PRO D 127 -10.35 -10.80 -39.11
C PRO D 127 -9.87 -12.08 -39.80
N SER D 128 -9.46 -11.91 -41.05
CA SER D 128 -8.63 -12.93 -41.71
C SER D 128 -7.18 -12.51 -41.56
N VAL D 129 -6.29 -13.48 -41.44
CA VAL D 129 -4.87 -13.23 -41.26
C VAL D 129 -4.14 -13.86 -42.43
N PHE D 130 -3.45 -13.04 -43.22
CA PHE D 130 -2.70 -13.49 -44.37
C PHE D 130 -1.23 -13.15 -44.19
N PRO D 131 -0.33 -13.99 -44.67
CA PRO D 131 1.11 -13.70 -44.52
C PRO D 131 1.59 -12.66 -45.53
N LEU D 132 2.61 -11.92 -45.10
CA LEU D 132 3.36 -11.01 -45.96
C LEU D 132 4.75 -11.65 -46.03
N ALA D 133 4.99 -12.41 -47.08
CA ALA D 133 6.14 -13.29 -47.04
C ALA D 133 7.38 -12.56 -47.55
N PRO D 134 8.57 -12.94 -47.06
CA PRO D 134 9.84 -12.36 -47.49
C PRO D 134 10.31 -12.89 -48.85
N GLY D 141 18.59 -7.57 -49.48
CA GLY D 141 19.94 -7.51 -48.96
C GLY D 141 20.16 -8.45 -47.79
N GLY D 142 20.88 -7.99 -46.76
CA GLY D 142 21.11 -8.75 -45.56
C GLY D 142 20.03 -8.67 -44.49
N THR D 143 19.06 -7.75 -44.64
CA THR D 143 17.93 -7.62 -43.73
C THR D 143 16.65 -7.76 -44.53
N ALA D 144 15.79 -8.70 -44.13
CA ALA D 144 14.53 -8.98 -44.80
C ALA D 144 13.36 -8.44 -43.97
N ALA D 145 12.20 -8.37 -44.61
CA ALA D 145 11.00 -7.94 -43.92
C ALA D 145 9.90 -8.97 -44.16
N LEU D 146 9.16 -9.28 -43.10
CA LEU D 146 8.01 -10.16 -43.21
C LEU D 146 6.92 -9.59 -42.32
N GLY D 147 5.73 -10.15 -42.42
CA GLY D 147 4.63 -9.56 -41.69
C GLY D 147 3.36 -10.36 -41.83
N CYS D 148 2.31 -9.82 -41.24
CA CYS D 148 0.98 -10.41 -41.28
C CYS D 148 -0.03 -9.32 -41.62
N LEU D 149 -0.88 -9.59 -42.59
CA LEU D 149 -1.99 -8.71 -42.91
C LEU D 149 -3.24 -9.17 -42.16
N VAL D 150 -3.78 -8.29 -41.33
CA VAL D 150 -4.97 -8.57 -40.53
C VAL D 150 -6.13 -7.80 -41.16
N LYS D 151 -6.99 -8.49 -41.90
CA LYS D 151 -7.91 -7.79 -42.79
C LYS D 151 -9.37 -8.07 -42.42
N ASP D 152 -10.18 -7.00 -42.46
CA ASP D 152 -11.65 -7.08 -42.41
C ASP D 152 -12.17 -7.47 -41.04
N TYR D 153 -12.06 -6.56 -40.07
CA TYR D 153 -12.58 -6.84 -38.73
C TYR D 153 -13.29 -5.62 -38.18
N PHE D 154 -14.15 -5.87 -37.18
CA PHE D 154 -14.87 -4.79 -36.51
C PHE D 154 -15.34 -5.30 -35.15
N PRO D 155 -15.28 -4.49 -34.09
CA PRO D 155 -14.67 -3.16 -34.04
C PRO D 155 -13.20 -3.27 -33.72
N GLU D 156 -12.53 -2.15 -33.48
CA GLU D 156 -11.22 -2.17 -32.85
C GLU D 156 -11.33 -2.66 -31.40
N PRO D 157 -10.24 -3.12 -30.78
CA PRO D 157 -8.86 -3.28 -31.28
C PRO D 157 -8.50 -4.73 -31.62
N VAL D 158 -7.39 -4.92 -32.32
CA VAL D 158 -6.74 -6.21 -32.47
C VAL D 158 -5.38 -6.10 -31.80
N THR D 159 -4.90 -7.19 -31.24
CA THR D 159 -3.54 -7.25 -30.72
C THR D 159 -2.73 -8.20 -31.60
N VAL D 160 -1.49 -7.80 -31.89
CA VAL D 160 -0.58 -8.67 -32.63
C VAL D 160 0.69 -8.79 -31.81
N SER D 161 1.19 -10.02 -31.68
CA SER D 161 2.51 -10.27 -31.13
C SER D 161 3.23 -11.21 -32.07
N TRP D 162 4.55 -11.30 -31.93
CA TRP D 162 5.38 -12.17 -32.75
C TRP D 162 6.07 -13.21 -31.88
N ASN D 163 5.94 -14.48 -32.27
CA ASN D 163 6.53 -15.60 -31.53
C ASN D 163 6.13 -15.55 -30.05
N SER D 164 4.83 -15.42 -29.81
CA SER D 164 4.24 -15.30 -28.47
C SER D 164 4.97 -14.27 -27.61
N GLY D 165 5.46 -13.20 -28.23
CA GLY D 165 6.10 -12.13 -27.49
C GLY D 165 7.60 -12.25 -27.31
N ALA D 166 8.22 -13.33 -27.81
CA ALA D 166 9.67 -13.44 -27.77
C ALA D 166 10.36 -12.55 -28.79
N LEU D 167 9.62 -12.02 -29.76
CA LEU D 167 10.18 -11.18 -30.82
C LEU D 167 9.55 -9.80 -30.72
N THR D 168 10.36 -8.80 -30.41
CA THR D 168 9.89 -7.44 -30.18
C THR D 168 10.74 -6.46 -30.98
N SER D 169 12.02 -6.77 -31.11
CA SER D 169 12.94 -5.92 -31.85
C SER D 169 12.53 -5.83 -33.32
N GLY D 170 12.45 -4.61 -33.83
CA GLY D 170 12.15 -4.41 -35.24
C GLY D 170 10.71 -4.63 -35.64
N VAL D 171 9.77 -4.68 -34.69
CA VAL D 171 8.35 -4.86 -34.99
C VAL D 171 7.66 -3.52 -35.16
N HIS D 172 6.84 -3.41 -36.20
CA HIS D 172 5.94 -2.27 -36.37
C HIS D 172 4.54 -2.81 -36.61
N THR D 173 3.61 -2.52 -35.72
CA THR D 173 2.21 -2.80 -35.93
C THR D 173 1.54 -1.48 -36.30
N PHE D 174 1.02 -1.41 -37.53
CA PHE D 174 0.52 -0.13 -37.99
C PHE D 174 -0.86 0.17 -37.39
N PRO D 175 -1.19 1.45 -37.27
CA PRO D 175 -2.57 1.83 -36.92
C PRO D 175 -3.57 1.23 -37.91
N ALA D 176 -4.73 0.85 -37.40
CA ALA D 176 -5.76 0.32 -38.28
C ALA D 176 -6.27 1.40 -39.22
N VAL D 177 -6.65 0.99 -40.42
CA VAL D 177 -7.28 1.89 -41.39
C VAL D 177 -8.71 1.40 -41.59
N LEU D 178 -9.66 2.33 -41.53
CA LEU D 178 -11.04 2.01 -41.84
C LEU D 178 -11.21 1.94 -43.35
N GLN D 179 -11.58 0.77 -43.85
CA GLN D 179 -11.78 0.59 -45.27
C GLN D 179 -13.15 1.13 -45.68
N SER D 180 -13.36 1.27 -47.00
CA SER D 180 -14.61 1.82 -47.49
C SER D 180 -15.79 0.89 -47.20
N SER D 181 -15.53 -0.36 -46.86
CA SER D 181 -16.56 -1.30 -46.45
C SER D 181 -17.03 -1.06 -45.02
N GLY D 182 -16.38 -0.17 -44.27
CA GLY D 182 -16.65 0.00 -42.85
C GLY D 182 -15.93 -0.98 -41.95
N LEU D 183 -15.09 -1.87 -42.51
CA LEU D 183 -14.30 -2.81 -41.73
C LEU D 183 -12.86 -2.32 -41.63
N TYR D 184 -12.21 -2.66 -40.52
CA TYR D 184 -10.83 -2.23 -40.30
C TYR D 184 -9.85 -3.23 -40.90
N SER D 185 -8.63 -2.75 -41.14
CA SER D 185 -7.54 -3.58 -41.60
C SER D 185 -6.24 -2.99 -41.07
N LEU D 186 -5.30 -3.85 -40.71
CA LEU D 186 -3.96 -3.36 -40.40
C LEU D 186 -2.96 -4.43 -40.77
N SER D 187 -1.69 -4.04 -40.75
CA SER D 187 -0.59 -4.98 -40.94
C SER D 187 0.44 -4.82 -39.83
N SER D 188 1.11 -5.91 -39.50
CA SER D 188 2.22 -5.92 -38.58
C SER D 188 3.41 -6.51 -39.31
N VAL D 189 4.54 -5.80 -39.28
CA VAL D 189 5.74 -6.23 -39.97
C VAL D 189 6.89 -6.30 -38.97
N VAL D 190 7.92 -7.06 -39.34
CA VAL D 190 9.15 -7.16 -38.56
C VAL D 190 10.31 -7.31 -39.53
N THR D 191 11.42 -6.62 -39.26
CA THR D 191 12.66 -6.83 -40.00
C THR D 191 13.49 -7.89 -39.29
N VAL D 192 14.04 -8.83 -40.06
CA VAL D 192 14.78 -9.97 -39.53
C VAL D 192 16.02 -10.21 -40.37
N PRO D 193 17.02 -10.89 -39.81
CA PRO D 193 18.19 -11.28 -40.59
C PRO D 193 17.82 -12.23 -41.73
N SER D 194 18.18 -11.84 -42.95
CA SER D 194 17.93 -12.67 -44.12
C SER D 194 18.70 -13.99 -44.06
N SER D 195 19.76 -14.06 -43.24
CA SER D 195 20.50 -15.31 -43.07
C SER D 195 19.71 -16.33 -42.25
N SER D 196 18.76 -15.89 -41.44
CA SER D 196 18.01 -16.78 -40.58
C SER D 196 16.66 -17.18 -41.17
N LEU D 197 16.37 -16.81 -42.42
CA LEU D 197 15.16 -17.28 -43.07
C LEU D 197 15.28 -18.77 -43.31
N GLY D 198 14.26 -19.52 -42.90
CA GLY D 198 14.27 -20.96 -42.97
C GLY D 198 14.86 -21.64 -41.75
N THR D 199 15.85 -21.02 -41.09
CA THR D 199 16.40 -21.55 -39.85
C THR D 199 15.60 -21.11 -38.62
N GLN D 200 14.84 -20.02 -38.72
CA GLN D 200 14.04 -19.49 -37.64
C GLN D 200 12.57 -19.45 -38.05
N THR D 201 11.68 -19.74 -37.11
CA THR D 201 10.24 -19.73 -37.38
C THR D 201 9.64 -18.40 -36.92
N TYR D 202 8.79 -17.82 -37.76
CA TYR D 202 8.15 -16.54 -37.47
C TYR D 202 6.63 -16.72 -37.52
N ILE D 203 5.98 -16.44 -36.41
CA ILE D 203 4.55 -16.68 -36.23
C ILE D 203 3.95 -15.42 -35.63
N CYS D 204 3.01 -14.82 -36.33
CA CYS D 204 2.30 -13.68 -35.76
C CYS D 204 1.05 -14.21 -35.06
N ASN D 205 0.84 -13.73 -33.84
CA ASN D 205 -0.27 -14.12 -32.98
C ASN D 205 -1.24 -12.96 -32.96
N VAL D 206 -2.46 -13.18 -33.47
CA VAL D 206 -3.44 -12.11 -33.65
C VAL D 206 -4.61 -12.41 -32.73
N ASN D 207 -5.03 -11.42 -31.95
CA ASN D 207 -6.13 -11.58 -31.01
C ASN D 207 -7.17 -10.49 -31.26
N HIS D 208 -8.43 -10.88 -31.46
CA HIS D 208 -9.54 -9.94 -31.61
C HIS D 208 -10.63 -10.35 -30.63
N LYS D 209 -10.60 -9.78 -29.44
CA LYS D 209 -11.49 -10.25 -28.37
C LYS D 209 -12.97 -10.01 -28.65
N PRO D 210 -13.41 -8.91 -29.26
CA PRO D 210 -14.84 -8.74 -29.56
C PRO D 210 -15.48 -9.92 -30.29
N SER D 211 -14.75 -10.62 -31.16
CA SER D 211 -15.28 -11.78 -31.87
C SER D 211 -14.71 -13.09 -31.36
N ASN D 212 -13.97 -13.08 -30.25
CA ASN D 212 -13.28 -14.25 -29.71
C ASN D 212 -12.45 -14.94 -30.81
N THR D 213 -11.69 -14.14 -31.55
CA THR D 213 -10.78 -14.64 -32.59
C THR D 213 -9.36 -14.62 -32.05
N LYS D 214 -8.67 -15.76 -32.16
CA LYS D 214 -7.26 -15.89 -31.77
C LYS D 214 -6.60 -16.78 -32.82
N VAL D 215 -5.81 -16.16 -33.70
CA VAL D 215 -5.20 -16.85 -34.83
C VAL D 215 -3.70 -16.79 -34.69
N ASP D 216 -3.04 -17.91 -34.99
CA ASP D 216 -1.58 -17.99 -35.08
C ASP D 216 -1.22 -18.37 -36.51
N LYS D 217 -0.42 -17.53 -37.16
N LYS D 217 -0.39 -17.55 -37.15
CA LYS D 217 -0.08 -17.72 -38.58
CA LYS D 217 -0.06 -17.68 -38.56
C LYS D 217 1.43 -17.72 -38.74
C LYS D 217 1.45 -17.71 -38.74
N LYS D 218 1.96 -18.83 -39.27
CA LYS D 218 3.37 -18.91 -39.59
C LYS D 218 3.61 -18.23 -40.93
N VAL D 219 4.60 -17.34 -40.98
CA VAL D 219 4.96 -16.62 -42.21
C VAL D 219 6.20 -17.29 -42.80
N GLU D 220 6.03 -17.97 -43.92
CA GLU D 220 7.11 -18.72 -44.50
C GLU D 220 7.63 -18.03 -45.76
N PRO D 221 8.94 -18.15 -46.05
CA PRO D 221 9.56 -17.55 -47.24
C PRO D 221 8.94 -17.99 -48.56
N ASP E 1 -17.80 26.79 -17.76
CA ASP E 1 -16.61 25.95 -17.76
C ASP E 1 -15.36 26.75 -18.04
N ILE E 2 -14.21 26.29 -17.54
CA ILE E 2 -12.93 26.93 -17.84
C ILE E 2 -12.35 26.35 -19.12
N LEU E 3 -12.03 27.23 -20.06
CA LEU E 3 -11.42 26.85 -21.32
C LEU E 3 -9.90 26.94 -21.22
N MET E 4 -9.22 25.88 -21.65
CA MET E 4 -7.78 25.83 -21.69
C MET E 4 -7.33 25.83 -23.15
N THR E 5 -6.58 26.85 -23.54
CA THR E 5 -6.11 26.97 -24.92
C THR E 5 -4.59 26.89 -24.91
N GLN E 6 -4.06 25.84 -25.56
CA GLN E 6 -2.63 25.64 -25.72
C GLN E 6 -2.17 26.16 -27.08
N THR E 7 -0.99 26.77 -27.10
CA THR E 7 -0.33 27.19 -28.33
C THR E 7 1.15 26.83 -28.24
N PRO E 8 1.75 26.33 -29.32
CA PRO E 8 1.09 26.01 -30.59
C PRO E 8 0.44 24.63 -30.52
N LEU E 9 -0.26 24.24 -31.58
CA LEU E 9 -0.85 22.92 -31.63
C LEU E 9 0.16 21.83 -31.94
N SER E 10 1.31 22.20 -32.50
CA SER E 10 2.34 21.23 -32.83
C SER E 10 3.68 21.94 -32.86
N LEU E 11 4.73 21.15 -32.63
CA LEU E 11 6.09 21.66 -32.56
C LEU E 11 6.98 20.62 -33.22
N SER E 12 8.00 21.09 -33.93
CA SER E 12 9.05 20.22 -34.47
C SER E 12 10.38 20.80 -34.01
N VAL E 13 11.07 20.10 -33.11
CA VAL E 13 12.21 20.66 -32.39
C VAL E 13 13.49 19.97 -32.81
N THR E 14 14.51 20.75 -33.11
CA THR E 14 15.84 20.21 -33.30
C THR E 14 16.34 19.63 -31.98
N PRO E 15 16.89 18.41 -31.97
CA PRO E 15 17.35 17.83 -30.70
C PRO E 15 18.42 18.71 -30.06
N GLY E 16 18.40 18.75 -28.73
CA GLY E 16 19.28 19.63 -27.97
C GLY E 16 18.76 21.04 -27.78
N GLN E 17 17.83 21.50 -28.62
CA GLN E 17 17.26 22.84 -28.55
C GLN E 17 16.07 22.88 -27.58
N PRO E 18 15.75 24.07 -27.07
CA PRO E 18 14.62 24.21 -26.15
C PRO E 18 13.27 24.25 -26.86
N ALA E 19 12.24 23.85 -26.13
CA ALA E 19 10.87 23.92 -26.61
C ALA E 19 9.99 24.53 -25.54
N SER E 20 8.99 25.31 -25.95
CA SER E 20 8.09 25.97 -25.00
C SER E 20 6.66 25.85 -25.48
N ILE E 21 5.77 25.51 -24.55
CA ILE E 21 4.34 25.35 -24.81
C ILE E 21 3.59 26.26 -23.86
N SER E 22 2.66 27.04 -24.38
CA SER E 22 1.88 27.94 -23.54
C SER E 22 0.46 27.42 -23.36
N CYS E 23 -0.12 27.81 -22.22
CA CYS E 23 -1.45 27.37 -21.84
C CYS E 23 -2.12 28.57 -21.21
N LYS E 24 -3.29 28.95 -21.72
CA LYS E 24 -4.01 30.09 -21.18
C LYS E 24 -5.37 29.59 -20.72
N SER E 25 -5.73 29.88 -19.47
CA SER E 25 -7.05 29.50 -18.99
C SER E 25 -7.97 30.70 -19.11
N SER E 26 -9.27 30.42 -19.25
CA SER E 26 -10.26 31.50 -19.31
C SER E 26 -10.57 32.11 -17.93
N GLN E 27 -10.21 31.43 -16.84
CA GLN E 27 -10.39 31.95 -15.49
C GLN E 27 -9.14 31.63 -14.68
N SER E 28 -8.93 32.41 -13.60
CA SER E 28 -7.78 32.19 -12.72
C SER E 28 -7.84 30.79 -12.10
N LEU E 29 -6.67 30.17 -11.95
CA LEU E 29 -6.59 28.84 -11.36
C LEU E 29 -6.05 28.89 -9.94
N LEU E 30 -5.93 30.08 -9.37
CA LEU E 30 -5.49 30.24 -7.99
C LEU E 30 -6.65 29.94 -7.05
N ASP E 31 -6.40 29.12 -6.06
CA ASP E 31 -7.41 28.82 -5.06
C ASP E 31 -7.05 29.52 -3.75
N ASN E 32 -8.01 29.52 -2.82
CA ASN E 32 -7.82 30.31 -1.62
C ASN E 32 -6.93 29.62 -0.60
N ASP E 33 -6.38 28.44 -0.91
CA ASP E 33 -5.31 27.84 -0.13
C ASP E 33 -3.94 28.26 -0.64
N GLY E 34 -3.88 29.20 -1.58
CA GLY E 34 -2.64 29.73 -2.10
C GLY E 34 -2.10 29.00 -3.32
N LYS E 35 -2.56 27.78 -3.58
CA LYS E 35 -2.04 26.97 -4.67
C LYS E 35 -2.77 27.25 -5.97
N THR E 36 -2.07 27.00 -7.06
CA THR E 36 -2.60 27.20 -8.41
C THR E 36 -2.76 25.83 -9.08
N TYR E 37 -3.99 25.46 -9.42
CA TYR E 37 -4.31 24.07 -9.76
C TYR E 37 -4.14 23.83 -11.26
N LEU E 38 -2.89 23.93 -11.70
CA LEU E 38 -2.50 23.75 -13.08
C LEU E 38 -1.47 22.64 -13.14
N TYR E 39 -1.72 21.66 -14.02
CA TYR E 39 -0.94 20.44 -14.14
C TYR E 39 -0.59 20.22 -15.60
N TRP E 40 0.56 19.59 -15.86
CA TRP E 40 0.99 19.24 -17.21
C TRP E 40 1.14 17.73 -17.33
N TYR E 41 0.58 17.16 -18.40
CA TYR E 41 0.67 15.74 -18.67
C TYR E 41 1.38 15.51 -19.99
N LEU E 42 2.03 14.35 -20.11
CA LEU E 42 2.61 13.92 -21.38
C LEU E 42 2.01 12.56 -21.73
N GLN E 43 1.61 12.39 -22.98
CA GLN E 43 1.18 11.07 -23.44
C GLN E 43 2.12 10.63 -24.55
N LYS E 44 3.03 9.71 -24.21
CA LYS E 44 3.96 9.19 -25.20
C LYS E 44 3.25 8.25 -26.18
N PRO E 45 3.80 8.05 -27.37
CA PRO E 45 3.14 7.18 -28.36
C PRO E 45 2.86 5.80 -27.80
N GLY E 46 1.60 5.39 -27.90
CA GLY E 46 1.17 4.10 -27.40
C GLY E 46 1.13 3.96 -25.90
N GLN E 47 1.24 5.05 -25.15
CA GLN E 47 1.21 4.97 -23.70
C GLN E 47 0.02 5.75 -23.14
N SER E 48 -0.26 5.50 -21.86
CA SER E 48 -1.23 6.27 -21.09
C SER E 48 -0.61 7.62 -20.69
N PRO E 49 -1.45 8.61 -20.37
CA PRO E 49 -0.92 9.90 -19.89
C PRO E 49 -0.10 9.72 -18.64
N GLN E 50 0.92 10.58 -18.48
CA GLN E 50 1.73 10.57 -17.27
C GLN E 50 1.91 12.00 -16.78
N LEU E 51 1.88 12.18 -15.46
CA LEU E 51 2.04 13.50 -14.89
C LEU E 51 3.49 13.98 -15.00
N LEU E 52 3.68 15.22 -15.43
CA LEU E 52 5.02 15.79 -15.52
C LEU E 52 5.22 16.88 -14.47
N ILE E 53 4.35 17.88 -14.46
CA ILE E 53 4.46 19.04 -13.57
C ILE E 53 3.14 19.16 -12.83
N TYR E 54 3.20 19.44 -11.53
CA TYR E 54 2.00 19.70 -10.77
C TYR E 54 2.06 21.07 -10.11
N GLU E 55 0.89 21.71 -9.99
CA GLU E 55 0.78 23.04 -9.39
C GLU E 55 1.79 24.01 -10.01
N VAL E 56 1.75 24.10 -11.34
CA VAL E 56 2.47 25.10 -12.15
C VAL E 56 3.94 24.73 -12.36
N SER E 57 4.65 24.43 -11.27
CA SER E 57 6.10 24.45 -11.36
C SER E 57 6.82 23.28 -10.69
N ASN E 58 6.11 22.34 -10.08
CA ASN E 58 6.74 21.24 -9.37
C ASN E 58 6.89 20.02 -10.27
N ARG E 59 8.10 19.47 -10.33
N ARG E 59 8.11 19.48 -10.34
CA ARG E 59 8.35 18.27 -11.12
CA ARG E 59 8.35 18.27 -11.11
C ARG E 59 7.89 17.04 -10.35
C ARG E 59 7.87 17.05 -10.34
N PHE E 60 7.09 16.19 -11.01
CA PHE E 60 6.71 14.93 -10.39
C PHE E 60 7.93 14.02 -10.22
N SER E 61 7.80 13.08 -9.28
CA SER E 61 8.84 12.09 -8.96
C SER E 61 9.42 11.42 -10.20
N GLY E 62 10.70 11.68 -10.46
CA GLY E 62 11.38 11.03 -11.56
C GLY E 62 11.27 11.71 -12.89
N VAL E 63 10.73 12.92 -12.95
CA VAL E 63 10.71 13.68 -14.21
C VAL E 63 12.03 14.44 -14.36
N PRO E 64 12.68 14.36 -15.52
CA PRO E 64 14.00 14.98 -15.67
C PRO E 64 13.94 16.48 -15.44
N GLU E 65 15.09 17.04 -15.06
CA GLU E 65 15.14 18.45 -14.72
C GLU E 65 15.12 19.36 -15.93
N ARG E 66 15.28 18.83 -17.14
CA ARG E 66 15.09 19.67 -18.31
C ARG E 66 13.66 20.18 -18.44
N PHE E 67 12.70 19.54 -17.75
CA PHE E 67 11.31 19.98 -17.75
C PHE E 67 11.08 20.99 -16.63
N SER E 68 10.39 22.08 -16.95
CA SER E 68 10.04 23.06 -15.91
C SER E 68 8.80 23.83 -16.35
N GLY E 69 8.07 24.34 -15.37
CA GLY E 69 6.87 25.11 -15.64
C GLY E 69 6.85 26.39 -14.86
N SER E 70 6.19 27.40 -15.43
CA SER E 70 6.06 28.69 -14.78
C SER E 70 4.72 29.29 -15.13
N GLY E 71 4.40 30.41 -14.49
CA GLY E 71 3.21 31.18 -14.83
C GLY E 71 2.40 31.54 -13.60
N SER E 72 1.27 32.20 -13.86
CA SER E 72 0.42 32.69 -12.79
C SER E 72 -0.96 33.01 -13.34
N GLY E 73 -1.97 32.83 -12.48
CA GLY E 73 -3.31 33.25 -12.82
C GLY E 73 -3.89 32.53 -14.01
N THR E 74 -3.72 33.09 -15.22
CA THR E 74 -4.28 32.50 -16.42
C THR E 74 -3.24 32.14 -17.48
N ASP E 75 -1.96 32.48 -17.28
CA ASP E 75 -0.94 32.30 -18.30
C ASP E 75 0.17 31.40 -17.78
N PHE E 76 0.42 30.30 -18.50
CA PHE E 76 1.36 29.28 -18.03
C PHE E 76 2.21 28.79 -19.19
N THR E 77 3.40 28.29 -18.85
CA THR E 77 4.39 27.91 -19.84
C THR E 77 5.10 26.65 -19.38
N LEU E 78 5.14 25.65 -20.25
CA LEU E 78 5.97 24.47 -20.05
C LEU E 78 7.19 24.59 -20.96
N LYS E 79 8.38 24.44 -20.39
CA LYS E 79 9.63 24.61 -21.11
C LYS E 79 10.44 23.32 -20.99
N ILE E 80 10.95 22.82 -22.12
CA ILE E 80 11.90 21.71 -22.12
C ILE E 80 13.24 22.30 -22.53
N ARG E 81 14.25 22.14 -21.67
CA ARG E 81 15.53 22.82 -21.88
C ARG E 81 16.25 22.28 -23.11
N ARG E 82 16.41 20.95 -23.18
CA ARG E 82 17.13 20.31 -24.28
C ARG E 82 16.35 19.06 -24.66
N VAL E 83 15.59 19.15 -25.75
CA VAL E 83 14.67 18.07 -26.12
C VAL E 83 15.46 16.85 -26.57
N GLU E 84 15.06 15.68 -26.06
CA GLU E 84 15.62 14.39 -26.41
C GLU E 84 14.56 13.57 -27.14
N ALA E 85 15.03 12.50 -27.80
CA ALA E 85 14.12 11.67 -28.59
C ALA E 85 12.98 11.13 -27.74
N GLU E 86 13.26 10.79 -26.47
CA GLU E 86 12.21 10.20 -25.63
C GLU E 86 11.15 11.21 -25.20
N ASP E 87 11.28 12.47 -25.57
CA ASP E 87 10.32 13.51 -25.23
C ASP E 87 9.19 13.64 -26.24
N VAL E 88 9.16 12.84 -27.32
CA VAL E 88 8.10 12.99 -28.31
C VAL E 88 6.78 12.48 -27.74
N GLY E 89 5.70 13.08 -28.20
CA GLY E 89 4.38 12.76 -27.68
C GLY E 89 3.51 14.01 -27.71
N VAL E 90 2.38 13.90 -27.03
CA VAL E 90 1.42 14.99 -26.93
C VAL E 90 1.42 15.48 -25.49
N TYR E 91 1.62 16.78 -25.31
CA TYR E 91 1.62 17.44 -24.01
C TYR E 91 0.27 18.13 -23.77
N TYR E 92 -0.27 17.96 -22.58
CA TYR E 92 -1.55 18.54 -22.21
C TYR E 92 -1.45 19.29 -20.89
N CYS E 93 -2.03 20.48 -20.85
CA CYS E 93 -2.25 21.16 -19.58
C CYS E 93 -3.65 20.81 -19.08
N MET E 94 -3.83 20.85 -17.76
CA MET E 94 -5.11 20.50 -17.15
C MET E 94 -5.34 21.36 -15.93
N GLN E 95 -6.57 21.82 -15.75
CA GLN E 95 -6.94 22.57 -14.56
C GLN E 95 -7.94 21.76 -13.76
N ARG E 96 -7.88 21.90 -12.42
CA ARG E 96 -8.94 21.33 -11.61
C ARG E 96 -9.36 22.28 -10.50
N ILE E 97 -9.29 23.59 -10.75
CA ILE E 97 -9.87 24.53 -9.80
C ILE E 97 -11.39 24.52 -9.87
N ASP E 98 -11.97 24.06 -10.97
CA ASP E 98 -13.41 24.18 -11.18
C ASP E 98 -13.93 22.86 -11.77
N LEU E 99 -15.24 22.63 -11.57
CA LEU E 99 -15.82 21.55 -12.36
C LEU E 99 -16.45 22.12 -13.62
N PRO E 100 -16.33 21.42 -14.75
CA PRO E 100 -15.53 20.19 -14.92
C PRO E 100 -14.03 20.43 -14.92
N TRP E 101 -13.25 19.45 -14.46
CA TRP E 101 -11.83 19.47 -14.78
C TRP E 101 -11.67 19.48 -16.29
N THR E 102 -10.77 20.31 -16.80
CA THR E 102 -10.67 20.50 -18.26
C THR E 102 -9.22 20.47 -18.72
N PHE E 103 -9.02 20.03 -19.95
CA PHE E 103 -7.72 19.93 -20.59
C PHE E 103 -7.60 20.89 -21.76
N GLY E 104 -6.35 21.26 -22.05
CA GLY E 104 -6.01 21.84 -23.34
C GLY E 104 -6.17 20.81 -24.45
N GLN E 105 -6.18 21.32 -25.69
CA GLN E 105 -6.38 20.43 -26.84
C GLN E 105 -5.19 19.53 -27.10
N GLY E 106 -4.01 19.87 -26.56
CA GLY E 106 -2.82 19.09 -26.76
C GLY E 106 -1.84 19.70 -27.75
N THR E 107 -0.54 19.60 -27.45
CA THR E 107 0.52 20.04 -28.34
C THR E 107 1.36 18.83 -28.73
N LYS E 108 1.39 18.51 -30.01
CA LYS E 108 2.17 17.36 -30.45
C LYS E 108 3.59 17.81 -30.74
N VAL E 109 4.56 17.16 -30.11
CA VAL E 109 5.97 17.48 -30.23
C VAL E 109 6.62 16.40 -31.10
N GLU E 110 7.18 16.83 -32.22
CA GLU E 110 8.03 16.02 -33.08
C GLU E 110 9.48 16.44 -32.86
N ILE E 111 10.40 15.50 -32.91
CA ILE E 111 11.82 15.82 -32.81
C ILE E 111 12.44 15.66 -34.19
N LYS E 112 13.30 16.60 -34.55
CA LYS E 112 14.00 16.38 -35.80
C LYS E 112 15.13 15.38 -35.58
N ARG E 113 15.57 14.79 -36.67
CA ARG E 113 16.76 13.95 -36.68
C ARG E 113 17.36 14.08 -38.06
N THR E 114 18.51 13.45 -38.27
CA THR E 114 19.11 13.45 -39.60
C THR E 114 18.21 12.70 -40.58
N VAL E 115 18.34 13.05 -41.86
CA VAL E 115 17.52 12.41 -42.88
C VAL E 115 17.84 10.91 -42.91
N ALA E 116 16.81 10.11 -43.05
CA ALA E 116 16.94 8.66 -43.18
C ALA E 116 16.02 8.19 -44.29
N ALA E 117 16.61 7.61 -45.33
CA ALA E 117 15.82 7.09 -46.44
C ALA E 117 15.08 5.82 -46.01
N PRO E 118 13.85 5.62 -46.47
CA PRO E 118 13.14 4.38 -46.13
C PRO E 118 13.81 3.18 -46.76
N SER E 119 13.77 2.06 -46.04
CA SER E 119 13.98 0.75 -46.65
C SER E 119 12.63 0.28 -47.17
N VAL E 120 12.56 -0.08 -48.46
CA VAL E 120 11.30 -0.35 -49.13
C VAL E 120 11.18 -1.84 -49.45
N PHE E 121 9.99 -2.38 -49.20
CA PHE E 121 9.68 -3.79 -49.44
C PHE E 121 8.30 -3.88 -50.09
N ILE E 122 8.12 -4.84 -51.00
CA ILE E 122 6.80 -5.08 -51.57
C ILE E 122 6.41 -6.53 -51.35
N PHE E 123 5.13 -6.75 -51.02
CA PHE E 123 4.60 -8.07 -50.70
C PHE E 123 3.44 -8.40 -51.62
N PRO E 124 3.52 -9.48 -52.39
CA PRO E 124 2.38 -9.90 -53.21
C PRO E 124 1.25 -10.43 -52.35
N PRO E 125 0.05 -10.56 -52.90
CA PRO E 125 -1.04 -11.18 -52.14
C PRO E 125 -0.76 -12.65 -51.90
N SER E 126 -1.24 -13.14 -50.76
CA SER E 126 -1.08 -14.56 -50.44
C SER E 126 -2.02 -15.40 -51.30
N ASP E 127 -1.61 -16.64 -51.56
CA ASP E 127 -2.51 -17.55 -52.26
C ASP E 127 -3.77 -17.83 -51.45
N GLU E 128 -3.65 -17.86 -50.13
CA GLU E 128 -4.82 -18.04 -49.28
C GLU E 128 -5.84 -16.93 -49.48
N GLN E 129 -5.38 -15.68 -49.66
CA GLN E 129 -6.33 -14.59 -49.88
C GLN E 129 -6.96 -14.68 -51.26
N LEU E 130 -6.17 -15.04 -52.27
CA LEU E 130 -6.69 -15.06 -53.64
C LEU E 130 -7.88 -16.00 -53.78
N LYS E 131 -7.92 -17.07 -52.99
CA LYS E 131 -9.07 -17.98 -52.99
C LYS E 131 -10.33 -17.30 -52.48
N SER E 132 -10.19 -16.24 -51.68
CA SER E 132 -11.34 -15.45 -51.22
C SER E 132 -11.86 -14.48 -52.28
N GLY E 133 -11.11 -14.25 -53.36
CA GLY E 133 -11.55 -13.34 -54.41
C GLY E 133 -11.01 -11.92 -54.34
N THR E 134 -10.13 -11.62 -53.39
CA THR E 134 -9.53 -10.30 -53.23
C THR E 134 -8.02 -10.42 -53.19
N ALA E 135 -7.32 -9.43 -53.74
CA ALA E 135 -5.87 -9.36 -53.70
C ALA E 135 -5.44 -8.08 -53.00
N SER E 136 -4.68 -8.20 -51.91
CA SER E 136 -4.02 -7.06 -51.28
C SER E 136 -2.54 -7.10 -51.60
N VAL E 137 -2.00 -5.97 -52.06
CA VAL E 137 -0.59 -5.80 -52.32
C VAL E 137 -0.09 -4.74 -51.35
N VAL E 138 0.96 -5.06 -50.60
CA VAL E 138 1.43 -4.20 -49.52
C VAL E 138 2.80 -3.66 -49.89
N CYS E 139 2.98 -2.36 -49.71
CA CYS E 139 4.26 -1.68 -49.85
C CYS E 139 4.68 -1.16 -48.47
N LEU E 140 5.88 -1.50 -48.04
CA LEU E 140 6.37 -1.08 -46.73
C LEU E 140 7.55 -0.13 -46.88
N LEU E 141 7.44 1.04 -46.24
CA LEU E 141 8.52 2.03 -46.10
C LEU E 141 8.95 1.99 -44.64
N ASN E 142 10.17 1.56 -44.36
CA ASN E 142 10.57 1.32 -42.97
C ASN E 142 11.62 2.33 -42.49
N ASN E 143 11.37 2.91 -41.30
CA ASN E 143 12.36 3.66 -40.52
C ASN E 143 12.94 4.87 -41.27
N PHE E 144 12.06 5.82 -41.63
CA PHE E 144 12.49 6.97 -42.42
C PHE E 144 12.19 8.29 -41.72
N TYR E 145 12.82 9.35 -42.24
CA TYR E 145 12.67 10.71 -41.71
C TYR E 145 13.13 11.70 -42.78
N PRO E 146 12.40 12.78 -43.06
CA PRO E 146 11.14 13.31 -42.50
C PRO E 146 9.92 12.48 -42.88
N ARG E 147 8.79 12.84 -42.35
CA ARG E 147 7.60 12.01 -42.57
C ARG E 147 7.10 12.10 -44.02
N GLU E 148 7.30 13.24 -44.66
CA GLU E 148 6.78 13.42 -46.03
C GLU E 148 7.36 12.36 -46.94
N ALA E 149 6.48 11.60 -47.58
CA ALA E 149 6.93 10.56 -48.50
C ALA E 149 5.82 10.32 -49.50
N LYS E 150 6.20 10.00 -50.73
CA LYS E 150 5.27 9.78 -51.81
C LYS E 150 5.35 8.31 -52.22
N VAL E 151 4.22 7.62 -52.17
CA VAL E 151 4.11 6.22 -52.59
C VAL E 151 3.16 6.17 -53.77
N GLN E 152 3.66 5.76 -54.93
CA GLN E 152 2.84 5.69 -56.14
C GLN E 152 2.74 4.24 -56.60
N TRP E 153 1.53 3.72 -56.70
CA TRP E 153 1.33 2.38 -57.21
C TRP E 153 1.30 2.43 -58.75
N LYS E 154 1.94 1.44 -59.37
CA LYS E 154 1.95 1.30 -60.82
C LYS E 154 1.63 -0.15 -61.15
N VAL E 155 0.71 -0.34 -62.08
CA VAL E 155 0.28 -1.66 -62.53
C VAL E 155 0.49 -1.68 -64.04
N ASP E 156 1.43 -2.51 -64.51
CA ASP E 156 1.91 -2.45 -65.88
C ASP E 156 2.35 -1.03 -66.23
N ASN E 157 3.01 -0.39 -65.28
CA ASN E 157 3.59 0.95 -65.35
C ASN E 157 2.56 2.08 -65.37
N ALA E 158 1.26 1.76 -65.34
CA ALA E 158 0.23 2.78 -65.27
C ALA E 158 0.00 3.22 -63.82
N LEU E 159 0.06 4.53 -63.57
CA LEU E 159 -0.18 5.06 -62.23
C LEU E 159 -1.60 4.79 -61.77
N GLN E 160 -1.73 4.22 -60.57
CA GLN E 160 -3.01 3.92 -59.95
C GLN E 160 -3.50 5.10 -59.11
N SER E 161 -4.82 5.19 -58.97
CA SER E 161 -5.39 6.24 -58.13
C SER E 161 -6.73 5.77 -57.58
N GLY E 162 -6.91 5.92 -56.27
CA GLY E 162 -8.19 5.68 -55.64
C GLY E 162 -8.42 4.28 -55.11
N ASN E 163 -7.43 3.37 -55.23
CA ASN E 163 -7.60 1.99 -54.78
C ASN E 163 -6.56 1.62 -53.71
N SER E 164 -5.96 2.59 -53.07
CA SER E 164 -4.97 2.29 -52.03
C SER E 164 -5.19 3.18 -50.83
N GLN E 165 -4.70 2.70 -49.67
CA GLN E 165 -4.81 3.37 -48.39
C GLN E 165 -3.47 3.26 -47.68
N GLU E 166 -3.09 4.33 -46.99
CA GLU E 166 -1.82 4.42 -46.27
C GLU E 166 -2.05 4.42 -44.77
N SER E 167 -1.10 3.86 -44.05
CA SER E 167 -1.06 3.93 -42.60
C SER E 167 0.34 4.30 -42.17
N VAL E 168 0.47 5.17 -41.15
CA VAL E 168 1.78 5.64 -40.70
C VAL E 168 1.87 5.48 -39.20
N THR E 169 3.01 4.98 -38.72
CA THR E 169 3.24 4.89 -37.28
C THR E 169 3.47 6.29 -36.68
N GLU E 170 3.32 6.38 -35.37
CA GLU E 170 3.77 7.58 -34.67
C GLU E 170 5.29 7.58 -34.63
N GLN E 171 5.87 8.77 -34.45
CA GLN E 171 7.32 8.88 -34.43
C GLN E 171 7.87 8.03 -33.30
N ASP E 172 8.96 7.31 -33.59
CA ASP E 172 9.50 6.33 -32.66
C ASP E 172 10.26 7.00 -31.53
N SER E 173 10.06 6.51 -30.30
CA SER E 173 10.67 7.18 -29.14
C SER E 173 12.18 6.99 -29.04
N LYS E 174 12.72 5.95 -29.68
CA LYS E 174 14.16 5.68 -29.61
C LYS E 174 14.94 6.21 -30.80
N ASP E 175 14.48 5.98 -32.05
CA ASP E 175 15.24 6.43 -33.21
C ASP E 175 14.60 7.58 -33.98
N SER E 176 13.42 8.04 -33.56
CA SER E 176 12.78 9.24 -34.10
C SER E 176 12.39 9.09 -35.58
N THR E 177 12.14 7.86 -36.02
CA THR E 177 11.72 7.60 -37.40
C THR E 177 10.22 7.31 -37.49
N TYR E 178 9.73 7.31 -38.72
CA TYR E 178 8.39 6.84 -39.09
C TYR E 178 8.51 5.58 -39.92
N SER E 179 7.44 4.80 -39.93
CA SER E 179 7.21 3.75 -40.90
C SER E 179 5.82 3.90 -41.51
N LEU E 180 5.68 3.40 -42.73
CA LEU E 180 4.48 3.61 -43.52
C LEU E 180 4.16 2.33 -44.27
N SER E 181 2.87 1.99 -44.31
CA SER E 181 2.39 0.92 -45.17
C SER E 181 1.38 1.53 -46.14
N SER E 182 1.47 1.11 -47.40
CA SER E 182 0.45 1.41 -48.39
C SER E 182 -0.08 0.08 -48.92
N THR E 183 -1.41 -0.03 -48.98
CA THR E 183 -2.06 -1.28 -49.36
C THR E 183 -2.93 -1.02 -50.59
N LEU E 184 -2.63 -1.74 -51.68
CA LEU E 184 -3.41 -1.71 -52.91
C LEU E 184 -4.36 -2.89 -52.94
N THR E 185 -5.65 -2.63 -53.14
CA THR E 185 -6.66 -3.68 -53.06
C THR E 185 -7.38 -3.79 -54.41
N LEU E 186 -7.39 -5.00 -54.97
CA LEU E 186 -8.04 -5.27 -56.23
C LEU E 186 -8.85 -6.55 -56.14
N SER E 187 -9.91 -6.64 -56.94
CA SER E 187 -10.57 -7.93 -57.09
C SER E 187 -9.58 -8.93 -57.68
N LYS E 188 -9.81 -10.21 -57.42
CA LYS E 188 -8.96 -11.26 -57.99
C LYS E 188 -9.01 -11.21 -59.51
N ALA E 189 -10.19 -10.97 -60.08
CA ALA E 189 -10.31 -10.83 -61.53
C ALA E 189 -9.42 -9.72 -62.05
N ASP E 190 -9.55 -8.52 -61.46
CA ASP E 190 -8.73 -7.40 -61.91
C ASP E 190 -7.25 -7.64 -61.64
N TYR E 191 -6.93 -8.31 -60.51
CA TYR E 191 -5.53 -8.61 -60.20
C TYR E 191 -4.90 -9.49 -61.27
N GLU E 192 -5.60 -10.53 -61.73
CA GLU E 192 -5.03 -11.46 -62.69
C GLU E 192 -4.98 -10.91 -64.12
N LYS E 193 -5.49 -9.70 -64.36
CA LYS E 193 -5.43 -9.11 -65.69
C LYS E 193 -4.08 -8.50 -66.00
N HIS E 194 -3.29 -8.14 -64.99
CA HIS E 194 -1.99 -7.52 -65.19
C HIS E 194 -0.91 -8.39 -64.57
N LYS E 195 0.33 -8.13 -64.98
CA LYS E 195 1.46 -8.92 -64.51
C LYS E 195 2.40 -8.16 -63.58
N VAL E 196 2.68 -6.88 -63.84
CA VAL E 196 3.71 -6.14 -63.12
C VAL E 196 3.07 -5.27 -62.04
N TYR E 197 3.48 -5.47 -60.79
CA TYR E 197 3.00 -4.70 -59.66
C TYR E 197 4.19 -4.00 -59.02
N ALA E 198 4.10 -2.67 -58.87
CA ALA E 198 5.23 -1.87 -58.40
C ALA E 198 4.73 -0.80 -57.44
N CYS E 199 5.52 -0.49 -56.41
CA CYS E 199 5.35 0.76 -55.70
C CYS E 199 6.62 1.58 -55.87
N GLU E 200 6.44 2.85 -56.20
CA GLU E 200 7.53 3.76 -56.42
C GLU E 200 7.50 4.77 -55.29
N VAL E 201 8.64 4.93 -54.63
CA VAL E 201 8.74 5.73 -53.42
C VAL E 201 9.68 6.90 -53.68
N THR E 202 9.17 8.09 -53.41
CA THR E 202 9.92 9.33 -53.48
C THR E 202 10.09 9.87 -52.06
N HIS E 203 11.32 10.20 -51.69
CA HIS E 203 11.61 10.66 -50.35
C HIS E 203 12.91 11.44 -50.36
N GLN E 204 12.98 12.46 -49.49
CA GLN E 204 14.14 13.35 -49.43
C GLN E 204 15.46 12.59 -49.30
N GLY E 205 15.44 11.47 -48.57
CA GLY E 205 16.66 10.68 -48.36
C GLY E 205 17.13 9.88 -49.56
N LEU E 206 16.34 9.82 -50.62
CA LEU E 206 16.68 9.07 -51.81
C LEU E 206 17.13 10.01 -52.93
N SER E 207 18.22 9.64 -53.62
CA SER E 207 18.70 10.40 -54.78
C SER E 207 17.65 10.55 -55.86
N SER E 208 16.98 9.45 -56.16
CA SER E 208 15.89 9.44 -57.12
C SER E 208 14.88 8.45 -56.60
N PRO E 209 13.66 8.41 -57.14
CA PRO E 209 12.66 7.47 -56.62
C PRO E 209 13.14 6.03 -56.75
N VAL E 210 12.79 5.22 -55.75
CA VAL E 210 13.07 3.79 -55.74
C VAL E 210 11.80 3.04 -56.06
N THR E 211 11.93 1.98 -56.86
CA THR E 211 10.82 1.13 -57.26
C THR E 211 11.10 -0.29 -56.84
N LYS E 212 10.17 -0.89 -56.09
CA LYS E 212 10.18 -2.32 -55.84
C LYS E 212 9.00 -2.93 -56.57
N SER E 213 9.23 -4.07 -57.22
CA SER E 213 8.18 -4.67 -58.03
C SER E 213 8.28 -6.19 -58.01
N PHE E 214 7.20 -6.83 -58.42
CA PHE E 214 7.15 -8.27 -58.63
C PHE E 214 6.29 -8.55 -59.85
N ASN E 215 6.39 -9.78 -60.37
CA ASN E 215 5.55 -10.22 -61.48
C ASN E 215 4.60 -11.29 -60.98
N ARG E 216 3.31 -11.11 -61.28
CA ARG E 216 2.23 -11.94 -60.74
C ARG E 216 2.53 -13.42 -60.91
N GLY E 217 2.61 -14.13 -59.78
CA GLY E 217 2.76 -15.57 -59.80
C GLY E 217 4.08 -16.08 -60.31
N GLU E 218 5.11 -15.26 -60.33
CA GLU E 218 6.42 -15.68 -60.79
C GLU E 218 7.40 -15.77 -59.62
N ASN F 2 -14.96 26.56 -5.83
CA ASN F 2 -15.95 25.49 -6.02
C ASN F 2 -15.56 24.24 -5.22
N PRO F 3 -16.22 24.02 -4.08
CA PRO F 3 -15.86 22.86 -3.25
C PRO F 3 -16.12 21.54 -3.96
N ASN F 4 -17.00 21.49 -4.95
CA ASN F 4 -17.26 20.21 -5.63
C ASN F 4 -16.11 19.80 -6.53
N ALA F 5 -15.21 20.74 -6.88
CA ALA F 5 -14.05 20.40 -7.70
C ALA F 5 -12.97 19.68 -6.92
N ASN F 6 -13.04 19.71 -5.58
CA ASN F 6 -12.02 19.13 -4.69
C ASN F 6 -12.37 17.67 -4.45
N PRO F 7 -11.56 16.71 -4.93
CA PRO F 7 -11.88 15.29 -4.69
C PRO F 7 -11.42 14.80 -3.31
N ASN F 8 -10.72 15.62 -2.53
CA ASN F 8 -10.15 15.19 -1.25
C ASN F 8 -10.75 15.94 -0.06
N ALA F 9 -11.99 16.38 -0.19
CA ALA F 9 -12.71 17.00 0.91
C ALA F 9 -14.19 16.72 0.73
N ASN F 10 -14.90 16.69 1.84
CA ASN F 10 -16.36 16.53 1.82
C ASN F 10 -16.99 17.83 1.31
N PRO F 11 -17.72 17.81 0.18
CA PRO F 11 -18.31 19.05 -0.32
C PRO F 11 -19.48 19.55 0.53
N ASN F 12 -19.17 20.06 1.72
CA ASN F 12 -20.15 20.54 2.70
C ASN F 12 -21.25 19.51 2.97
#